data_6IVX
#
_entry.id   6IVX
#
_cell.length_a   79.285
_cell.length_b   72.555
_cell.length_c   98.880
_cell.angle_alpha   90.00
_cell.angle_beta   90.01
_cell.angle_gamma   90.00
#
_symmetry.space_group_name_H-M   'P 1 21 1'
#
loop_
_entity.id
_entity.type
_entity.pdbx_description
1 polymer 'Nuclear receptor ROR-gamma'
2 polymer 'Nuclear receptor corepressor 2'
3 non-polymer "(4S)-4-[4'-cyclopropyl-5-(2,2-dimethylpropyl)[3,5'-bi-1,2-oxazol]-3'-yl]-6-[(2,4-dichlorophenyl)amino]-6-oxohexanoic acid"
4 water water
#
loop_
_entity_poly.entity_id
_entity_poly.type
_entity_poly.pdbx_seq_one_letter_code
_entity_poly.pdbx_strand_id
1 'polypeptide(L)'
;EAPYASLTEIEHLVQSVCKSYRETCQLRLEDLLRQRSNIFSREEVTGYQRKSMWEMWERCAHHLTEAIQYVVEFAKRLSG
FMELCQNDQIVLLKAGAMEVVLVRMCRAYNADNRTVFFEGKYGGMELFRALGCSELISSIFDFSHSLSALHFSEDEIALY
TALVLINAHRPGLQEKRKVEQLQYNLELAFHHHLCKTHRQSILAKLPPAGKLASLCSQHVERLQIFQHLHPIVVQAAFPP
LYKELFSTETESPVGLSK
;
A,C,E,G
2 'polypeptide(L)' TNMGLEAIIRKALMGKYDQWEE B,D,F,H
#
# COMPACT_ATOMS: atom_id res chain seq x y z
N SER A 6 -34.23 -12.83 -27.86
CA SER A 6 -34.87 -11.63 -27.21
C SER A 6 -34.43 -11.54 -25.74
N LEU A 7 -34.48 -12.67 -25.03
CA LEU A 7 -34.14 -12.82 -23.57
C LEU A 7 -32.74 -12.24 -23.29
N THR A 8 -31.77 -12.61 -24.13
CA THR A 8 -30.33 -12.24 -24.01
C THR A 8 -30.16 -10.71 -24.04
N GLU A 9 -30.96 -10.00 -24.84
CA GLU A 9 -30.95 -8.51 -24.95
C GLU A 9 -31.45 -7.88 -23.64
N ILE A 10 -32.57 -8.35 -23.11
CA ILE A 10 -33.17 -7.96 -21.80
C ILE A 10 -32.15 -8.22 -20.68
N GLU A 11 -31.57 -9.43 -20.66
CA GLU A 11 -30.51 -9.81 -19.69
C GLU A 11 -29.29 -8.88 -19.87
N HIS A 12 -28.97 -8.47 -21.12
CA HIS A 12 -27.87 -7.53 -21.45
C HIS A 12 -28.19 -6.13 -20.89
N LEU A 13 -29.43 -5.66 -21.06
CA LEU A 13 -29.93 -4.36 -20.52
C LEU A 13 -29.89 -4.40 -18.98
N VAL A 14 -30.36 -5.48 -18.35
CA VAL A 14 -30.22 -5.68 -16.87
C VAL A 14 -28.75 -5.43 -16.44
N GLN A 15 -27.81 -6.18 -17.07
CA GLN A 15 -26.35 -6.13 -16.75
C GLN A 15 -25.77 -4.74 -17.03
N SER A 16 -26.23 -4.10 -18.11
CA SER A 16 -25.91 -2.69 -18.49
C SER A 16 -26.36 -1.74 -17.36
N VAL A 17 -27.60 -1.84 -16.86
CA VAL A 17 -28.13 -0.96 -15.78
C VAL A 17 -27.36 -1.23 -14.49
N CYS A 18 -27.14 -2.50 -14.17
CA CYS A 18 -26.38 -2.92 -12.95
C CYS A 18 -24.92 -2.44 -13.01
N LYS A 19 -24.29 -2.51 -14.18
CA LYS A 19 -22.91 -2.00 -14.42
C LYS A 19 -22.90 -0.50 -14.15
N SER A 20 -23.78 0.24 -14.85
CA SER A 20 -23.98 1.71 -14.68
C SER A 20 -24.15 2.03 -13.19
N TYR A 21 -24.94 1.24 -12.47
CA TYR A 21 -25.20 1.44 -11.02
C TYR A 21 -23.92 1.19 -10.18
N ARG A 22 -23.25 0.05 -10.41
CA ARG A 22 -22.05 -0.35 -9.62
C ARG A 22 -21.00 0.76 -9.71
N GLU A 23 -20.70 1.21 -10.93
CA GLU A 23 -19.70 2.28 -11.21
C GLU A 23 -20.05 3.63 -10.56
N THR A 24 -21.32 3.85 -10.17
CA THR A 24 -21.81 5.18 -9.69
C THR A 24 -22.42 5.07 -8.28
N CYS A 25 -22.34 3.92 -7.65
CA CYS A 25 -22.85 3.59 -6.29
C CYS A 25 -22.23 4.42 -5.17
N GLN A 26 -21.13 5.18 -5.40
CA GLN A 26 -20.44 6.02 -4.36
C GLN A 26 -19.55 5.11 -3.49
N LEU A 27 -20.16 4.21 -2.71
CA LEU A 27 -19.48 3.19 -1.89
C LEU A 27 -19.90 1.81 -2.39
N ARG A 28 -18.98 0.84 -2.34
CA ARG A 28 -19.32 -0.60 -2.57
C ARG A 28 -20.14 -1.09 -1.38
N LEU A 29 -21.11 -1.95 -1.61
CA LEU A 29 -22.01 -2.47 -0.54
C LEU A 29 -21.18 -3.24 0.51
N GLU A 30 -20.25 -4.10 0.08
CA GLU A 30 -19.42 -4.92 1.01
C GLU A 30 -18.68 -3.96 1.97
N ASP A 31 -18.22 -2.81 1.47
CA ASP A 31 -17.53 -1.77 2.30
C ASP A 31 -18.48 -1.27 3.38
N LEU A 32 -19.68 -0.84 2.98
CA LEU A 32 -20.73 -0.39 3.94
C LEU A 32 -21.06 -1.49 4.95
N LEU A 33 -21.20 -2.74 4.50
CA LEU A 33 -21.58 -3.86 5.41
C LEU A 33 -20.44 -4.14 6.39
N ARG A 34 -19.19 -4.18 5.92
CA ARG A 34 -17.98 -4.42 6.75
C ARG A 34 -17.79 -3.32 7.78
N GLN A 35 -18.07 -2.07 7.43
CA GLN A 35 -17.85 -0.89 8.32
C GLN A 35 -18.94 -0.82 9.41
N ARG A 36 -19.98 -1.66 9.35
CA ARG A 36 -21.12 -1.66 10.32
C ARG A 36 -20.64 -1.78 11.77
N SER A 37 -19.54 -2.50 11.99
CA SER A 37 -18.93 -2.71 13.34
C SER A 37 -18.28 -1.40 13.81
N ASN A 38 -17.76 -0.59 12.88
CA ASN A 38 -17.07 0.68 13.19
C ASN A 38 -18.13 1.77 13.51
N ILE A 39 -18.43 1.97 14.80
CA ILE A 39 -19.61 2.71 15.37
C ILE A 39 -19.10 3.93 16.15
N PHE A 40 -19.74 5.11 16.00
CA PHE A 40 -19.37 6.35 16.77
C PHE A 40 -19.57 6.15 18.27
N SER A 41 -18.56 6.55 19.07
CA SER A 41 -18.60 6.60 20.55
C SER A 41 -19.54 7.72 21.02
N ARG A 42 -20.04 7.58 22.25
CA ARG A 42 -20.90 8.59 22.94
C ARG A 42 -20.24 9.98 22.90
N GLU A 43 -18.90 10.02 22.99
CA GLU A 43 -18.09 11.27 22.90
C GLU A 43 -18.19 11.86 21.48
N GLU A 44 -18.02 11.01 20.45
CA GLU A 44 -18.00 11.43 19.01
C GLU A 44 -19.42 11.90 18.61
N VAL A 45 -20.45 11.22 19.14
CA VAL A 45 -21.86 11.68 19.06
C VAL A 45 -22.00 13.09 19.67
N THR A 46 -21.47 13.33 20.87
CA THR A 46 -21.58 14.63 21.61
C THR A 46 -20.89 15.74 20.80
N GLY A 47 -19.73 15.44 20.19
CA GLY A 47 -19.04 16.36 19.25
C GLY A 47 -20.00 16.89 18.18
N TYR A 48 -20.69 15.97 17.47
CA TYR A 48 -21.68 16.31 16.41
C TYR A 48 -22.86 17.09 16.99
N GLN A 49 -23.38 16.68 18.16
CA GLN A 49 -24.50 17.40 18.83
C GLN A 49 -24.07 18.81 19.29
N ARG A 50 -22.79 19.04 19.56
CA ARG A 50 -22.29 20.40 19.99
C ARG A 50 -22.12 21.35 18.80
N LYS A 51 -22.15 20.88 17.56
CA LYS A 51 -21.92 21.76 16.37
C LYS A 51 -23.10 22.73 16.18
N SER A 52 -22.89 23.79 15.43
CA SER A 52 -23.94 24.78 15.08
C SER A 52 -24.88 24.13 14.06
N MET A 53 -26.16 24.54 14.12
CA MET A 53 -27.20 24.18 13.13
C MET A 53 -26.67 24.40 11.71
N TRP A 54 -26.02 25.51 11.45
CA TRP A 54 -25.45 25.86 10.12
C TRP A 54 -24.40 24.82 9.72
N GLU A 55 -23.41 24.61 10.57
CA GLU A 55 -22.27 23.70 10.30
C GLU A 55 -22.77 22.27 10.02
N MET A 56 -23.81 21.82 10.72
CA MET A 56 -24.35 20.44 10.55
C MET A 56 -25.19 20.38 9.26
N TRP A 57 -25.98 21.42 8.95
CA TRP A 57 -26.74 21.48 7.67
C TRP A 57 -25.80 21.60 6.47
N GLU A 58 -24.68 22.31 6.61
CA GLU A 58 -23.68 22.52 5.53
C GLU A 58 -23.11 21.16 5.12
N ARG A 59 -22.68 20.38 6.12
CA ARG A 59 -22.08 19.02 5.93
C ARG A 59 -23.09 18.15 5.19
N CYS A 60 -24.32 18.06 5.72
CA CYS A 60 -25.40 17.18 5.20
C CYS A 60 -25.79 17.63 3.77
N ALA A 61 -25.97 18.92 3.55
CA ALA A 61 -26.21 19.48 2.18
C ALA A 61 -25.03 19.16 1.22
N HIS A 62 -23.80 19.25 1.68
CA HIS A 62 -22.61 18.83 0.89
C HIS A 62 -22.75 17.35 0.49
N HIS A 63 -23.21 16.48 1.38
CA HIS A 63 -23.35 15.01 1.09
C HIS A 63 -24.54 14.76 0.14
N LEU A 64 -25.67 15.47 0.37
CA LEU A 64 -26.84 15.39 -0.53
C LEU A 64 -26.45 15.80 -1.96
N THR A 65 -25.75 16.91 -2.08
CA THR A 65 -25.24 17.51 -3.36
C THR A 65 -24.33 16.49 -4.06
N GLU A 66 -23.37 15.95 -3.32
CA GLU A 66 -22.43 14.91 -3.83
C GLU A 66 -23.30 13.75 -4.34
N ALA A 67 -24.33 13.36 -3.56
CA ALA A 67 -25.12 12.15 -3.87
C ALA A 67 -25.86 12.42 -5.17
N ILE A 68 -26.41 13.62 -5.32
CA ILE A 68 -27.17 13.98 -6.54
C ILE A 68 -26.22 13.93 -7.77
N GLN A 69 -24.93 14.30 -7.62
CA GLN A 69 -23.93 14.31 -8.73
C GLN A 69 -23.65 12.87 -9.18
N TYR A 70 -23.71 11.89 -8.26
CA TYR A 70 -23.48 10.45 -8.58
C TYR A 70 -24.68 9.88 -9.36
N VAL A 71 -25.88 10.39 -9.07
CA VAL A 71 -27.13 10.00 -9.79
C VAL A 71 -27.07 10.55 -11.22
N VAL A 72 -26.49 11.73 -11.40
CA VAL A 72 -26.33 12.34 -12.77
C VAL A 72 -25.36 11.45 -13.57
N GLU A 73 -24.27 11.02 -12.92
CA GLU A 73 -23.33 10.06 -13.53
C GLU A 73 -24.04 8.75 -13.84
N PHE A 74 -24.94 8.32 -12.95
CA PHE A 74 -25.77 7.11 -13.17
C PHE A 74 -26.61 7.29 -14.45
N ALA A 75 -27.36 8.39 -14.49
CA ALA A 75 -28.27 8.67 -15.65
C ALA A 75 -27.45 8.76 -16.95
N LYS A 76 -26.33 9.51 -16.94
CA LYS A 76 -25.44 9.69 -18.12
C LYS A 76 -25.08 8.34 -18.73
N ARG A 77 -24.84 7.30 -17.92
CA ARG A 77 -24.47 5.93 -18.41
C ARG A 77 -25.69 5.08 -18.79
N LEU A 78 -26.93 5.55 -18.64
CA LEU A 78 -28.14 4.75 -19.03
C LEU A 78 -28.33 4.92 -20.53
N SER A 79 -28.46 3.82 -21.28
CA SER A 79 -28.54 3.83 -22.76
C SER A 79 -29.78 4.61 -23.19
N GLY A 80 -29.59 5.65 -24.00
CA GLY A 80 -30.67 6.46 -24.58
C GLY A 80 -30.82 7.79 -23.89
N PHE A 81 -30.26 7.94 -22.67
CA PHE A 81 -30.50 9.16 -21.84
C PHE A 81 -29.71 10.36 -22.42
N MET A 82 -28.49 10.14 -22.90
CA MET A 82 -27.64 11.20 -23.52
C MET A 82 -28.18 11.58 -24.91
N GLU A 83 -28.87 10.65 -25.60
CA GLU A 83 -29.58 10.91 -26.88
C GLU A 83 -30.70 11.94 -26.66
N LEU A 84 -31.32 12.01 -25.47
CA LEU A 84 -32.41 12.98 -25.18
C LEU A 84 -31.87 14.41 -25.26
N CYS A 85 -32.75 15.37 -25.52
CA CYS A 85 -32.42 16.81 -25.51
C CYS A 85 -32.20 17.28 -24.07
N GLN A 86 -31.34 18.30 -23.94
CA GLN A 86 -30.83 18.85 -22.66
C GLN A 86 -32.01 19.08 -21.71
N ASN A 87 -33.10 19.70 -22.19
CA ASN A 87 -34.34 20.01 -21.40
C ASN A 87 -34.85 18.75 -20.69
N ASP A 88 -34.93 17.63 -21.43
CA ASP A 88 -35.58 16.37 -20.96
C ASP A 88 -34.70 15.77 -19.85
N GLN A 89 -33.40 15.68 -20.12
CA GLN A 89 -32.35 15.25 -19.16
C GLN A 89 -32.52 15.99 -17.83
N ILE A 90 -32.70 17.31 -17.89
CA ILE A 90 -32.83 18.22 -16.70
C ILE A 90 -34.18 17.97 -16.03
N VAL A 91 -35.26 17.92 -16.81
CA VAL A 91 -36.64 17.70 -16.27
C VAL A 91 -36.67 16.36 -15.54
N LEU A 92 -36.07 15.31 -16.09
CA LEU A 92 -36.09 13.95 -15.48
C LEU A 92 -35.28 13.92 -14.19
N LEU A 93 -34.07 14.46 -14.24
CA LEU A 93 -33.15 14.50 -13.07
C LEU A 93 -33.73 15.39 -11.97
N LYS A 94 -34.32 16.52 -12.33
CA LYS A 94 -34.92 17.45 -11.34
C LYS A 94 -36.02 16.70 -10.59
N ALA A 95 -36.85 15.97 -11.32
CA ALA A 95 -38.05 15.32 -10.76
C ALA A 95 -37.66 14.01 -10.09
N GLY A 96 -36.51 13.39 -10.44
CA GLY A 96 -36.17 12.02 -9.99
C GLY A 96 -34.98 11.93 -9.04
N ALA A 97 -33.99 12.85 -9.12
CA ALA A 97 -32.65 12.66 -8.54
C ALA A 97 -32.68 12.35 -7.02
N MET A 98 -33.45 13.10 -6.25
CA MET A 98 -33.44 13.10 -4.77
C MET A 98 -34.09 11.77 -4.27
N GLU A 99 -35.12 11.31 -4.94
CA GLU A 99 -35.78 10.01 -4.60
C GLU A 99 -34.81 8.84 -4.87
N VAL A 100 -33.98 8.90 -5.95
CA VAL A 100 -32.90 7.91 -6.17
C VAL A 100 -31.86 7.97 -5.04
N VAL A 101 -31.53 9.16 -4.54
CA VAL A 101 -30.64 9.33 -3.35
C VAL A 101 -31.31 8.64 -2.13
N LEU A 102 -32.56 8.99 -1.78
CA LEU A 102 -33.25 8.36 -0.61
C LEU A 102 -33.20 6.83 -0.71
N VAL A 103 -33.45 6.32 -1.92
CA VAL A 103 -33.42 4.84 -2.17
C VAL A 103 -31.99 4.33 -2.01
N ARG A 104 -30.99 5.00 -2.61
CA ARG A 104 -29.56 4.58 -2.49
C ARG A 104 -29.11 4.57 -1.03
N MET A 105 -29.60 5.51 -0.22
CA MET A 105 -29.25 5.63 1.23
C MET A 105 -29.51 4.33 2.05
N CYS A 106 -30.57 3.56 1.78
CA CYS A 106 -30.96 2.35 2.55
C CYS A 106 -29.81 1.33 2.68
N ARG A 107 -28.86 1.34 1.75
CA ARG A 107 -27.65 0.47 1.74
C ARG A 107 -26.74 0.77 2.93
N ALA A 108 -26.75 2.02 3.42
CA ALA A 108 -25.86 2.53 4.47
C ALA A 108 -26.59 2.56 5.82
N TYR A 109 -27.74 1.91 5.88
CA TYR A 109 -28.61 1.76 7.07
C TYR A 109 -28.48 0.35 7.62
N ASN A 110 -28.19 0.21 8.91
CA ASN A 110 -28.09 -1.08 9.67
C ASN A 110 -29.34 -1.24 10.54
N ALA A 111 -30.24 -2.13 10.11
CA ALA A 111 -31.55 -2.45 10.75
C ALA A 111 -31.36 -3.08 12.14
N ASP A 112 -30.27 -3.81 12.36
CA ASP A 112 -29.96 -4.46 13.66
C ASP A 112 -30.03 -3.42 14.79
N ASN A 113 -29.22 -2.36 14.67
CA ASN A 113 -28.97 -1.34 15.73
C ASN A 113 -29.57 0.03 15.35
N ARG A 114 -30.22 0.19 14.18
CA ARG A 114 -30.92 1.44 13.76
C ARG A 114 -29.89 2.57 13.62
N THR A 115 -28.81 2.32 12.90
CA THR A 115 -27.67 3.25 12.72
C THR A 115 -27.35 3.40 11.22
N VAL A 116 -26.72 4.50 10.86
CA VAL A 116 -26.46 4.90 9.45
C VAL A 116 -24.98 5.23 9.37
N PHE A 117 -24.37 4.94 8.20
CA PHE A 117 -22.98 5.35 7.87
C PHE A 117 -22.96 6.86 7.67
N PHE A 118 -22.16 7.58 8.44
CA PHE A 118 -21.99 9.06 8.34
C PHE A 118 -20.54 9.46 8.63
N GLU A 119 -19.79 9.85 7.59
CA GLU A 119 -18.42 10.39 7.64
C GLU A 119 -17.50 9.40 8.37
N GLY A 120 -17.52 8.13 7.97
CA GLY A 120 -16.48 7.13 8.26
C GLY A 120 -16.88 6.08 9.30
N LYS A 121 -17.91 6.35 10.10
CA LYS A 121 -18.51 5.39 11.10
C LYS A 121 -20.06 5.45 11.09
N TYR A 122 -20.69 4.51 11.80
CA TYR A 122 -22.17 4.37 11.93
C TYR A 122 -22.63 5.04 13.21
N GLY A 123 -23.76 5.73 13.15
CA GLY A 123 -24.44 6.22 14.39
C GLY A 123 -25.93 6.32 14.21
N GLY A 124 -26.66 6.68 15.28
CA GLY A 124 -28.13 6.74 15.35
C GLY A 124 -28.67 8.16 15.05
N MET A 125 -29.99 8.32 15.01
CA MET A 125 -30.76 9.59 14.85
C MET A 125 -30.11 10.74 15.63
N GLU A 126 -29.62 10.46 16.83
CA GLU A 126 -29.08 11.43 17.81
C GLU A 126 -27.82 12.09 17.23
N LEU A 127 -27.18 11.48 16.23
CA LEU A 127 -26.02 12.06 15.50
C LEU A 127 -26.43 13.39 14.81
N PHE A 128 -27.73 13.59 14.56
CA PHE A 128 -28.32 14.72 13.78
C PHE A 128 -29.13 15.68 14.66
N ARG A 129 -28.96 15.69 15.99
CA ARG A 129 -29.77 16.58 16.90
C ARG A 129 -29.65 18.06 16.48
N ALA A 130 -28.45 18.48 16.05
CA ALA A 130 -28.11 19.89 15.71
C ALA A 130 -28.86 20.39 14.48
N LEU A 131 -29.45 19.52 13.63
CA LEU A 131 -30.30 19.95 12.49
C LEU A 131 -31.65 20.47 13.00
N GLY A 132 -32.05 20.17 14.25
CA GLY A 132 -33.34 20.58 14.83
C GLY A 132 -34.51 20.18 13.94
N CYS A 133 -34.51 18.94 13.44
CA CYS A 133 -35.45 18.39 12.42
C CYS A 133 -35.74 16.91 12.72
N SER A 134 -36.01 16.61 13.98
CA SER A 134 -36.25 15.26 14.57
C SER A 134 -37.30 14.49 13.75
N GLU A 135 -38.42 15.12 13.47
CA GLU A 135 -39.53 14.52 12.65
C GLU A 135 -38.97 14.11 11.26
N LEU A 136 -38.24 14.99 10.58
CA LEU A 136 -37.64 14.69 9.25
C LEU A 136 -36.63 13.54 9.40
N ILE A 137 -35.73 13.64 10.37
CA ILE A 137 -34.71 12.58 10.62
C ILE A 137 -35.42 11.23 10.81
N SER A 138 -36.41 11.18 11.70
CA SER A 138 -37.15 9.95 12.07
C SER A 138 -37.78 9.33 10.82
N SER A 139 -38.34 10.16 9.92
CA SER A 139 -39.01 9.73 8.68
C SER A 139 -38.02 9.10 7.69
N ILE A 140 -36.84 9.72 7.51
CA ILE A 140 -35.81 9.18 6.57
C ILE A 140 -35.29 7.85 7.14
N PHE A 141 -35.21 7.74 8.47
CA PHE A 141 -34.83 6.49 9.18
C PHE A 141 -35.91 5.42 8.94
N ASP A 142 -37.19 5.76 9.13
CA ASP A 142 -38.31 4.79 8.94
C ASP A 142 -38.31 4.30 7.49
N PHE A 143 -38.11 5.23 6.56
CA PHE A 143 -38.04 4.93 5.12
C PHE A 143 -36.92 3.92 4.85
N SER A 144 -35.71 4.21 5.31
CA SER A 144 -34.51 3.35 5.09
C SER A 144 -34.73 1.98 5.75
N HIS A 145 -35.35 1.96 6.93
CA HIS A 145 -35.78 0.74 7.68
C HIS A 145 -36.71 -0.07 6.80
N SER A 146 -37.76 0.56 6.25
CA SER A 146 -38.76 -0.17 5.41
C SER A 146 -38.09 -0.77 4.15
N LEU A 147 -37.19 -0.06 3.46
CA LEU A 147 -36.49 -0.65 2.28
C LEU A 147 -35.52 -1.71 2.73
N SER A 148 -34.78 -1.48 3.83
CA SER A 148 -33.83 -2.50 4.37
C SER A 148 -34.54 -3.85 4.60
N ALA A 149 -35.75 -3.83 5.17
CA ALA A 149 -36.53 -5.01 5.63
C ALA A 149 -37.03 -5.83 4.43
N LEU A 150 -37.10 -5.22 3.23
CA LEU A 150 -37.47 -5.91 1.98
C LEU A 150 -36.25 -6.56 1.32
N HIS A 151 -35.05 -6.30 1.81
CA HIS A 151 -33.77 -6.87 1.32
C HIS A 151 -33.68 -6.65 -0.19
N PHE A 152 -33.95 -5.43 -0.63
CA PHE A 152 -33.60 -4.97 -2.00
C PHE A 152 -32.17 -5.40 -2.33
N SER A 153 -32.01 -6.24 -3.33
CA SER A 153 -30.68 -6.57 -3.89
C SER A 153 -30.15 -5.33 -4.61
N GLU A 154 -28.88 -5.37 -4.99
CA GLU A 154 -28.23 -4.34 -5.82
C GLU A 154 -28.97 -4.21 -7.16
N ASP A 155 -29.27 -5.32 -7.79
CA ASP A 155 -29.94 -5.39 -9.13
C ASP A 155 -31.29 -4.65 -9.06
N GLU A 156 -32.08 -4.96 -8.03
CA GLU A 156 -33.40 -4.33 -7.79
C GLU A 156 -33.24 -2.81 -7.64
N ILE A 157 -32.41 -2.34 -6.72
CA ILE A 157 -32.10 -0.89 -6.57
C ILE A 157 -31.71 -0.33 -7.95
N ALA A 158 -30.81 -1.01 -8.67
CA ALA A 158 -30.25 -0.47 -9.95
C ALA A 158 -31.39 -0.28 -10.94
N LEU A 159 -32.22 -1.31 -11.11
CA LEU A 159 -33.36 -1.25 -12.08
C LEU A 159 -34.46 -0.31 -11.62
N TYR A 160 -34.72 -0.24 -10.32
CA TYR A 160 -35.85 0.53 -9.76
C TYR A 160 -35.49 2.01 -9.88
N THR A 161 -34.28 2.36 -9.47
CA THR A 161 -33.83 3.76 -9.51
C THR A 161 -33.76 4.25 -10.95
N ALA A 162 -33.44 3.39 -11.93
CA ALA A 162 -33.51 3.75 -13.37
C ALA A 162 -34.94 4.15 -13.73
N LEU A 163 -35.92 3.44 -13.17
CA LEU A 163 -37.35 3.72 -13.46
C LEU A 163 -37.86 4.92 -12.67
N VAL A 164 -37.30 5.22 -11.52
CA VAL A 164 -37.61 6.50 -10.85
C VAL A 164 -37.20 7.66 -11.81
N LEU A 165 -36.06 7.53 -12.51
CA LEU A 165 -35.50 8.61 -13.36
C LEU A 165 -36.22 8.65 -14.70
N ILE A 166 -36.31 7.52 -15.38
CA ILE A 166 -36.86 7.45 -16.78
C ILE A 166 -38.38 7.32 -16.70
N ASN A 167 -39.07 8.46 -16.60
CA ASN A 167 -40.54 8.56 -16.42
C ASN A 167 -41.14 9.55 -17.43
N ALA A 168 -41.99 9.09 -18.35
CA ALA A 168 -42.62 9.91 -19.42
C ALA A 168 -43.82 10.72 -18.90
N HIS A 169 -44.19 10.63 -17.62
CA HIS A 169 -45.28 11.45 -17.03
C HIS A 169 -44.77 12.77 -16.45
N ARG A 170 -43.49 13.09 -16.58
CA ARG A 170 -42.92 14.33 -15.95
C ARG A 170 -43.41 15.54 -16.75
N PRO A 171 -44.17 16.49 -16.14
CA PRO A 171 -44.51 17.75 -16.80
C PRO A 171 -43.25 18.47 -17.34
N GLY A 172 -43.26 18.86 -18.62
CA GLY A 172 -42.24 19.72 -19.25
C GLY A 172 -41.36 18.95 -20.22
N LEU A 173 -41.73 17.75 -20.63
CA LEU A 173 -40.93 16.90 -21.57
C LEU A 173 -41.24 17.25 -23.02
N GLN A 174 -40.20 17.27 -23.87
CA GLN A 174 -40.29 17.63 -25.32
C GLN A 174 -40.49 16.36 -26.15
N GLU A 175 -39.74 15.30 -25.83
CA GLU A 175 -39.71 14.00 -26.54
C GLU A 175 -40.30 12.90 -25.63
N LYS A 176 -41.57 13.07 -25.21
CA LYS A 176 -42.36 12.07 -24.42
C LYS A 176 -42.17 10.67 -24.99
N ARG A 177 -42.37 10.52 -26.31
CA ARG A 177 -42.32 9.19 -27.00
C ARG A 177 -40.92 8.59 -26.85
N LYS A 178 -39.88 9.41 -26.96
CA LYS A 178 -38.48 8.91 -26.78
C LYS A 178 -38.27 8.40 -25.34
N VAL A 179 -38.86 9.06 -24.35
CA VAL A 179 -38.78 8.65 -22.92
C VAL A 179 -39.61 7.37 -22.67
N GLU A 180 -40.79 7.26 -23.27
CA GLU A 180 -41.66 6.06 -23.11
C GLU A 180 -40.94 4.83 -23.65
N GLN A 181 -40.31 4.94 -24.82
CA GLN A 181 -39.52 3.84 -25.42
C GLN A 181 -38.44 3.36 -24.43
N LEU A 182 -37.71 4.28 -23.82
CA LEU A 182 -36.64 3.95 -22.82
C LEU A 182 -37.28 3.39 -21.54
N GLN A 183 -38.40 3.94 -21.07
CA GLN A 183 -39.11 3.49 -19.82
C GLN A 183 -39.63 2.04 -20.02
N TYR A 184 -40.31 1.79 -21.13
CA TYR A 184 -40.92 0.48 -21.49
C TYR A 184 -39.84 -0.62 -21.51
N ASN A 185 -38.73 -0.38 -22.20
CA ASN A 185 -37.57 -1.30 -22.26
C ASN A 185 -37.05 -1.66 -20.85
N LEU A 186 -36.98 -0.66 -19.97
CA LEU A 186 -36.61 -0.84 -18.54
C LEU A 186 -37.70 -1.62 -17.77
N GLU A 187 -38.98 -1.40 -18.09
CA GLU A 187 -40.10 -2.14 -17.46
C GLU A 187 -40.04 -3.61 -17.90
N LEU A 188 -39.78 -3.88 -19.19
CA LEU A 188 -39.62 -5.27 -19.69
C LEU A 188 -38.55 -5.95 -18.86
N ALA A 189 -37.36 -5.32 -18.85
CA ALA A 189 -36.13 -5.79 -18.20
C ALA A 189 -36.41 -6.06 -16.72
N PHE A 190 -37.03 -5.11 -16.05
CA PHE A 190 -37.26 -5.25 -14.59
C PHE A 190 -38.26 -6.38 -14.36
N HIS A 191 -39.31 -6.44 -15.18
CA HIS A 191 -40.37 -7.46 -15.10
C HIS A 191 -39.76 -8.86 -15.27
N HIS A 192 -38.93 -9.05 -16.30
CA HIS A 192 -38.21 -10.32 -16.49
C HIS A 192 -37.37 -10.66 -15.26
N HIS A 193 -36.60 -9.69 -14.72
CA HIS A 193 -35.75 -9.90 -13.51
C HIS A 193 -36.63 -10.34 -12.35
N LEU A 194 -37.74 -9.63 -12.07
CA LEU A 194 -38.60 -9.93 -10.89
C LEU A 194 -39.24 -11.32 -11.01
N CYS A 195 -39.56 -11.75 -12.23
CA CYS A 195 -40.22 -13.06 -12.50
C CYS A 195 -39.20 -14.18 -12.20
N LYS A 196 -38.01 -14.10 -12.80
CA LYS A 196 -36.84 -15.00 -12.58
C LYS A 196 -36.61 -15.20 -11.08
N THR A 197 -36.70 -14.11 -10.29
CA THR A 197 -36.33 -14.09 -8.86
C THR A 197 -37.58 -14.30 -7.99
N HIS A 198 -38.80 -14.31 -8.54
CA HIS A 198 -40.05 -14.56 -7.76
C HIS A 198 -40.28 -13.40 -6.76
N ARG A 199 -39.98 -12.19 -7.22
CA ARG A 199 -40.00 -10.92 -6.43
C ARG A 199 -41.02 -9.95 -7.03
N GLN A 200 -41.93 -10.45 -7.88
CA GLN A 200 -43.01 -9.71 -8.57
C GLN A 200 -43.67 -8.69 -7.63
N SER A 201 -43.84 -9.03 -6.35
CA SER A 201 -44.70 -8.34 -5.36
C SER A 201 -43.98 -7.27 -4.53
N ILE A 202 -42.65 -7.07 -4.67
CA ILE A 202 -41.88 -6.13 -3.78
C ILE A 202 -42.33 -4.69 -3.99
N LEU A 203 -42.72 -4.28 -5.20
CA LEU A 203 -43.07 -2.88 -5.48
C LEU A 203 -44.43 -2.49 -4.90
N ALA A 204 -45.24 -3.47 -4.51
CA ALA A 204 -46.49 -3.24 -3.73
C ALA A 204 -46.15 -2.73 -2.32
N LYS A 205 -44.99 -3.10 -1.78
CA LYS A 205 -44.57 -2.91 -0.37
C LYS A 205 -43.60 -1.72 -0.18
N LEU A 206 -43.33 -0.89 -1.20
CA LEU A 206 -42.40 0.27 -1.11
C LEU A 206 -43.11 1.38 -0.34
N PRO A 207 -42.47 1.99 0.69
CA PRO A 207 -43.00 3.20 1.31
C PRO A 207 -42.88 4.38 0.34
N PRO A 208 -43.81 5.37 0.41
CA PRO A 208 -43.79 6.53 -0.47
C PRO A 208 -42.61 7.46 -0.11
N ALA A 209 -41.94 8.01 -1.13
CA ALA A 209 -40.68 8.77 -1.03
C ALA A 209 -40.83 10.24 -1.45
N GLY A 210 -41.85 10.63 -2.22
CA GLY A 210 -42.07 11.98 -2.80
C GLY A 210 -41.90 13.12 -1.80
N LYS A 211 -42.63 13.07 -0.68
CA LYS A 211 -42.66 14.16 0.34
C LYS A 211 -41.28 14.34 0.94
N LEU A 212 -40.65 13.25 1.33
CA LEU A 212 -39.29 13.26 1.94
C LEU A 212 -38.27 13.88 0.99
N ALA A 213 -38.26 13.47 -0.29
CA ALA A 213 -37.31 13.96 -1.33
C ALA A 213 -37.48 15.46 -1.50
N SER A 214 -38.74 15.89 -1.55
CA SER A 214 -39.12 17.33 -1.73
C SER A 214 -38.50 18.16 -0.60
N LEU A 215 -38.67 17.72 0.67
CA LEU A 215 -38.11 18.40 1.87
C LEU A 215 -36.59 18.50 1.78
N CYS A 216 -35.93 17.39 1.45
CA CYS A 216 -34.46 17.28 1.27
C CYS A 216 -34.00 18.26 0.19
N SER A 217 -34.73 18.34 -0.92
CA SER A 217 -34.46 19.35 -2.00
C SER A 217 -34.64 20.76 -1.45
N GLN A 218 -35.69 21.00 -0.65
CA GLN A 218 -36.02 22.35 -0.11
C GLN A 218 -34.86 22.80 0.79
N HIS A 219 -34.45 21.92 1.70
CA HIS A 219 -33.34 22.24 2.63
C HIS A 219 -32.05 22.53 1.85
N VAL A 220 -31.71 21.76 0.83
CA VAL A 220 -30.47 21.97 0.01
C VAL A 220 -30.53 23.36 -0.63
N GLU A 221 -31.70 23.73 -1.19
CA GLU A 221 -31.90 25.04 -1.86
C GLU A 221 -31.75 26.16 -0.82
N ARG A 222 -32.45 26.03 0.33
CA ARG A 222 -32.40 27.00 1.45
C ARG A 222 -30.97 27.37 1.82
N LEU A 223 -30.05 26.40 1.81
CA LEU A 223 -28.63 26.63 2.15
C LEU A 223 -27.88 27.30 0.98
N GLN A 224 -28.26 27.02 -0.27
CA GLN A 224 -27.67 27.74 -1.45
C GLN A 224 -28.12 29.22 -1.36
N ILE A 225 -29.40 29.46 -1.08
CA ILE A 225 -30.01 30.82 -1.08
C ILE A 225 -29.36 31.72 -0.02
N PHE A 226 -29.07 31.19 1.18
CA PHE A 226 -28.63 31.98 2.37
C PHE A 226 -27.13 31.84 2.65
N GLN A 227 -26.31 31.35 1.69
CA GLN A 227 -24.86 31.12 1.92
C GLN A 227 -24.19 32.41 2.40
N HIS A 228 -24.58 33.57 1.86
CA HIS A 228 -23.96 34.88 2.17
C HIS A 228 -24.33 35.34 3.58
N LEU A 229 -25.39 34.78 4.22
CA LEU A 229 -25.68 35.07 5.66
C LEU A 229 -24.78 34.29 6.63
N HIS A 230 -23.87 33.44 6.12
CA HIS A 230 -23.06 32.45 6.90
C HIS A 230 -21.61 32.46 6.40
N PRO A 231 -20.62 31.93 7.15
CA PRO A 231 -19.23 31.89 6.67
C PRO A 231 -19.03 30.98 5.47
N ILE A 232 -17.90 31.16 4.75
CA ILE A 232 -17.49 30.29 3.59
C ILE A 232 -17.16 28.89 4.10
N THR B 1 -40.71 20.88 -8.80
CA THR B 1 -39.46 21.50 -9.35
C THR B 1 -38.71 22.23 -8.22
N ASN B 2 -37.39 22.41 -8.37
CA ASN B 2 -36.50 23.16 -7.46
C ASN B 2 -35.30 23.72 -8.26
N MET B 3 -35.10 25.05 -8.22
CA MET B 3 -33.98 25.79 -8.85
C MET B 3 -32.60 25.32 -8.33
N GLY B 4 -32.50 25.05 -7.02
CA GLY B 4 -31.25 24.64 -6.36
C GLY B 4 -30.75 23.33 -6.89
N LEU B 5 -31.66 22.38 -7.07
CA LEU B 5 -31.31 21.10 -7.71
C LEU B 5 -31.00 21.39 -9.20
N GLU B 6 -31.79 22.26 -9.85
CA GLU B 6 -31.59 22.61 -11.29
C GLU B 6 -30.12 23.00 -11.44
N ALA B 7 -29.63 23.87 -10.54
CA ALA B 7 -28.26 24.43 -10.60
C ALA B 7 -27.23 23.28 -10.51
N ILE B 8 -27.38 22.42 -9.50
CA ILE B 8 -26.49 21.24 -9.25
C ILE B 8 -26.49 20.35 -10.49
N ILE B 9 -27.67 20.10 -11.06
CA ILE B 9 -27.88 19.14 -12.19
C ILE B 9 -27.27 19.73 -13.48
N ARG B 10 -27.50 21.02 -13.74
CA ARG B 10 -26.92 21.73 -14.93
C ARG B 10 -25.40 21.63 -14.90
N LYS B 11 -24.78 21.90 -13.75
CA LYS B 11 -23.31 21.83 -13.55
C LYS B 11 -22.85 20.42 -13.92
N ALA B 12 -23.44 19.41 -13.30
CA ALA B 12 -23.01 17.99 -13.40
C ALA B 12 -23.18 17.46 -14.85
N LEU B 13 -24.15 17.94 -15.63
CA LEU B 13 -24.33 17.50 -17.05
C LEU B 13 -23.16 18.00 -17.94
N MET B 14 -22.63 19.21 -17.69
CA MET B 14 -21.46 19.77 -18.46
C MET B 14 -20.21 18.93 -18.17
N SER C 6 8.45 34.20 9.47
CA SER C 6 7.63 33.67 8.32
C SER C 6 8.45 32.71 7.45
N LEU C 7 9.79 32.74 7.57
CA LEU C 7 10.75 31.71 7.05
C LEU C 7 10.31 30.32 7.53
N THR C 8 9.95 30.21 8.83
CA THR C 8 9.51 28.96 9.50
C THR C 8 8.36 28.27 8.74
N GLU C 9 7.40 29.03 8.19
CA GLU C 9 6.25 28.50 7.39
C GLU C 9 6.75 27.88 6.08
N ILE C 10 7.59 28.61 5.33
CA ILE C 10 8.26 28.15 4.07
C ILE C 10 9.08 26.88 4.37
N GLU C 11 9.88 26.92 5.43
CA GLU C 11 10.71 25.76 5.86
C GLU C 11 9.78 24.61 6.31
N HIS C 12 8.60 24.91 6.87
CA HIS C 12 7.55 23.92 7.25
C HIS C 12 6.98 23.27 5.97
N LEU C 13 6.65 24.07 4.96
CA LEU C 13 6.16 23.59 3.63
C LEU C 13 7.25 22.74 2.95
N VAL C 14 8.52 23.19 2.94
CA VAL C 14 9.67 22.36 2.44
C VAL C 14 9.61 20.96 3.09
N GLN C 15 9.60 20.91 4.42
CA GLN C 15 9.62 19.66 5.25
C GLN C 15 8.37 18.84 4.98
N SER C 16 7.22 19.50 4.83
CA SER C 16 5.92 18.89 4.44
C SER C 16 6.06 18.18 3.07
N VAL C 17 6.62 18.87 2.06
CA VAL C 17 6.79 18.29 0.68
C VAL C 17 7.78 17.13 0.76
N CYS C 18 8.90 17.33 1.47
CA CYS C 18 9.96 16.29 1.59
C CYS C 18 9.42 15.07 2.36
N LYS C 19 8.61 15.26 3.39
CA LYS C 19 7.95 14.17 4.16
C LYS C 19 7.03 13.40 3.22
N SER C 20 6.11 14.10 2.55
CA SER C 20 5.20 13.54 1.51
C SER C 20 6.00 12.73 0.49
N TYR C 21 7.15 13.24 0.04
CA TYR C 21 8.03 12.54 -0.93
C TYR C 21 8.65 11.27 -0.33
N ARG C 22 9.24 11.38 0.85
CA ARG C 22 9.96 10.25 1.53
C ARG C 22 9.00 9.07 1.67
N GLU C 23 7.81 9.32 2.20
CA GLU C 23 6.74 8.30 2.46
C GLU C 23 6.24 7.65 1.17
N THR C 24 6.45 8.26 -0.01
CA THR C 24 5.83 7.82 -1.28
C THR C 24 6.89 7.55 -2.35
N CYS C 25 8.19 7.62 -2.01
CA CYS C 25 9.30 7.50 -3.01
C CYS C 25 9.41 6.09 -3.62
N GLN C 26 8.68 5.08 -3.11
CA GLN C 26 8.52 3.74 -3.70
C GLN C 26 9.69 2.87 -3.23
N LEU C 27 10.92 3.23 -3.55
CA LEU C 27 12.14 2.56 -3.04
C LEU C 27 12.99 3.60 -2.32
N ARG C 28 13.66 3.23 -1.24
CA ARG C 28 14.64 4.12 -0.56
C ARG C 28 15.85 4.31 -1.47
N LEU C 29 16.42 5.50 -1.49
CA LEU C 29 17.59 5.80 -2.36
C LEU C 29 18.78 4.91 -1.95
N GLU C 30 19.03 4.76 -0.65
CA GLU C 30 20.15 3.92 -0.11
C GLU C 30 20.03 2.50 -0.67
N ASP C 31 18.80 1.97 -0.80
CA ASP C 31 18.53 0.62 -1.36
C ASP C 31 18.97 0.61 -2.83
N LEU C 32 18.51 1.57 -3.62
CA LEU C 32 18.90 1.72 -5.04
C LEU C 32 20.42 1.82 -5.15
N LEU C 33 21.07 2.62 -4.31
CA LEU C 33 22.54 2.86 -4.43
C LEU C 33 23.30 1.58 -4.07
N ARG C 34 22.89 0.89 -2.99
CA ARG C 34 23.52 -0.39 -2.52
C ARG C 34 23.35 -1.51 -3.56
N GLN C 35 22.21 -1.56 -4.25
CA GLN C 35 21.94 -2.63 -5.25
C GLN C 35 22.73 -2.40 -6.54
N ARG C 36 23.41 -1.25 -6.73
CA ARG C 36 24.12 -0.90 -7.99
C ARG C 36 25.13 -1.99 -8.39
N SER C 37 25.74 -2.66 -7.41
CA SER C 37 26.74 -3.74 -7.62
C SER C 37 26.02 -4.99 -8.16
N ASN C 38 24.77 -5.20 -7.76
CA ASN C 38 23.97 -6.38 -8.14
C ASN C 38 23.45 -6.18 -9.58
N ILE C 39 24.16 -6.73 -10.57
CA ILE C 39 24.06 -6.43 -12.04
C ILE C 39 23.61 -7.70 -12.77
N PHE C 40 22.68 -7.59 -13.74
CA PHE C 40 22.24 -8.76 -14.57
C PHE C 40 23.40 -9.32 -15.40
N SER C 41 23.57 -10.65 -15.40
CA SER C 41 24.50 -11.41 -16.27
C SER C 41 24.04 -11.36 -17.73
N ARG C 42 24.99 -11.56 -18.66
CA ARG C 42 24.75 -11.64 -20.14
C ARG C 42 23.64 -12.67 -20.41
N GLU C 43 23.59 -13.76 -19.64
CA GLU C 43 22.56 -14.83 -19.77
C GLU C 43 21.18 -14.30 -19.37
N GLU C 44 21.09 -13.59 -18.25
CA GLU C 44 19.84 -12.97 -17.71
C GLU C 44 19.37 -11.86 -18.67
N VAL C 45 20.31 -11.12 -19.25
CA VAL C 45 20.00 -10.16 -20.37
C VAL C 45 19.38 -10.92 -21.54
N THR C 46 19.96 -12.04 -21.96
CA THR C 46 19.49 -12.84 -23.15
C THR C 46 18.09 -13.41 -22.88
N GLY C 47 17.82 -13.82 -21.64
CA GLY C 47 16.46 -14.21 -21.17
C GLY C 47 15.42 -13.13 -21.49
N TYR C 48 15.68 -11.88 -21.08
CA TYR C 48 14.79 -10.70 -21.32
C TYR C 48 14.69 -10.43 -22.81
N GLN C 49 15.80 -10.48 -23.57
CA GLN C 49 15.77 -10.24 -25.04
C GLN C 49 15.01 -11.38 -25.76
N ARG C 50 14.94 -12.60 -25.20
CA ARG C 50 14.19 -13.73 -25.84
C ARG C 50 12.68 -13.61 -25.62
N LYS C 51 12.20 -12.77 -24.68
CA LYS C 51 10.75 -12.68 -24.36
C LYS C 51 9.98 -12.07 -25.53
N SER C 52 8.67 -12.27 -25.57
CA SER C 52 7.78 -11.64 -26.57
C SER C 52 7.68 -10.14 -26.30
N MET C 53 7.50 -9.36 -27.38
CA MET C 53 7.16 -7.92 -27.33
C MET C 53 6.04 -7.67 -26.30
N TRP C 54 4.98 -8.44 -26.35
CA TRP C 54 3.79 -8.30 -25.45
C TRP C 54 4.22 -8.53 -24.00
N GLU C 55 4.89 -9.65 -23.72
CA GLU C 55 5.33 -10.02 -22.35
C GLU C 55 6.24 -8.96 -21.75
N MET C 56 7.13 -8.36 -22.57
CA MET C 56 8.08 -7.33 -22.08
C MET C 56 7.32 -5.99 -21.87
N TRP C 57 6.40 -5.64 -22.76
CA TRP C 57 5.57 -4.41 -22.61
C TRP C 57 4.63 -4.52 -21.41
N GLU C 58 4.10 -5.72 -21.14
CA GLU C 58 3.18 -6.00 -20.01
C GLU C 58 3.88 -5.64 -18.70
N ARG C 59 5.10 -6.18 -18.55
CA ARG C 59 5.94 -6.01 -17.33
C ARG C 59 6.17 -4.50 -17.12
N CYS C 60 6.68 -3.82 -18.16
CA CYS C 60 7.05 -2.40 -18.15
C CYS C 60 5.82 -1.53 -17.84
N ALA C 61 4.69 -1.79 -18.50
CA ALA C 61 3.42 -1.09 -18.24
C ALA C 61 2.98 -1.31 -16.78
N HIS C 62 3.09 -2.54 -16.28
CA HIS C 62 2.79 -2.83 -14.85
C HIS C 62 3.64 -1.94 -13.94
N HIS C 63 4.93 -1.72 -14.26
CA HIS C 63 5.84 -0.92 -13.41
C HIS C 63 5.50 0.59 -13.52
N LEU C 64 5.26 1.06 -14.76
CA LEU C 64 4.82 2.45 -15.01
C LEU C 64 3.53 2.75 -14.21
N THR C 65 2.57 1.85 -14.28
CA THR C 65 1.25 1.92 -13.57
C THR C 65 1.47 2.00 -12.07
N GLU C 66 2.29 1.11 -11.53
CA GLU C 66 2.66 1.09 -10.09
C GLU C 66 3.25 2.47 -9.78
N ALA C 67 4.14 2.99 -10.66
CA ALA C 67 4.87 4.23 -10.37
C ALA C 67 3.87 5.38 -10.32
N ILE C 68 2.93 5.39 -11.26
CA ILE C 68 1.87 6.44 -11.33
C ILE C 68 1.03 6.42 -10.04
N GLN C 69 0.78 5.23 -9.44
CA GLN C 69 -0.03 5.08 -8.20
C GLN C 69 0.68 5.73 -7.02
N TYR C 70 2.01 5.70 -7.01
CA TYR C 70 2.86 6.29 -5.94
C TYR C 70 2.84 7.81 -6.03
N VAL C 71 2.77 8.34 -7.25
CA VAL C 71 2.64 9.81 -7.51
C VAL C 71 1.28 10.32 -7.01
N VAL C 72 0.23 9.54 -7.16
CA VAL C 72 -1.13 9.86 -6.66
C VAL C 72 -1.06 9.94 -5.12
N GLU C 73 -0.40 8.96 -4.48
CA GLU C 73 -0.18 8.96 -3.03
C GLU C 73 0.64 10.20 -2.66
N PHE C 74 1.62 10.57 -3.49
CA PHE C 74 2.46 11.79 -3.28
C PHE C 74 1.54 13.01 -3.27
N ALA C 75 0.75 13.15 -4.32
CA ALA C 75 -0.10 14.35 -4.50
C ALA C 75 -1.11 14.41 -3.34
N LYS C 76 -1.77 13.29 -3.02
CA LYS C 76 -2.78 13.21 -1.93
C LYS C 76 -2.22 13.83 -0.63
N ARG C 77 -0.94 13.60 -0.31
CA ARG C 77 -0.29 14.09 0.94
C ARG C 77 0.25 15.53 0.80
N LEU C 78 0.15 16.17 -0.37
CA LEU C 78 0.62 17.58 -0.54
C LEU C 78 -0.44 18.51 0.03
N SER C 79 -0.05 19.45 0.91
CA SER C 79 -1.01 20.35 1.63
C SER C 79 -1.75 21.20 0.61
N GLY C 80 -3.08 21.11 0.59
CA GLY C 80 -3.99 21.91 -0.24
C GLY C 80 -4.53 21.13 -1.42
N PHE C 81 -3.89 20.01 -1.79
CA PHE C 81 -4.24 19.25 -3.02
C PHE C 81 -5.57 18.50 -2.82
N MET C 82 -5.82 17.94 -1.63
CA MET C 82 -7.10 17.22 -1.35
C MET C 82 -8.25 18.22 -1.13
N GLU C 83 -7.93 19.47 -0.73
CA GLU C 83 -8.91 20.60 -0.68
C GLU C 83 -9.46 20.91 -2.08
N LEU C 84 -8.70 20.68 -3.15
CA LEU C 84 -9.17 20.94 -4.54
C LEU C 84 -10.34 20.02 -4.88
N CYS C 85 -11.17 20.43 -5.85
CA CYS C 85 -12.27 19.60 -6.38
C CYS C 85 -11.70 18.45 -7.22
N GLN C 86 -12.43 17.33 -7.22
CA GLN C 86 -12.03 16.04 -7.83
C GLN C 86 -11.51 16.30 -9.25
N ASN C 87 -12.21 17.11 -10.06
CA ASN C 87 -11.84 17.47 -11.46
C ASN C 87 -10.39 17.96 -11.53
N ASP C 88 -10.03 18.88 -10.62
CA ASP C 88 -8.74 19.61 -10.65
C ASP C 88 -7.62 18.62 -10.34
N GLN C 89 -7.81 17.85 -9.24
CA GLN C 89 -6.92 16.74 -8.82
C GLN C 89 -6.58 15.85 -10.03
N ILE C 90 -7.61 15.45 -10.78
CA ILE C 90 -7.52 14.54 -11.96
C ILE C 90 -6.80 15.24 -13.11
N VAL C 91 -7.21 16.47 -13.42
CA VAL C 91 -6.59 17.27 -14.53
C VAL C 91 -5.09 17.45 -14.25
N LEU C 92 -4.70 17.74 -13.01
CA LEU C 92 -3.27 17.98 -12.67
C LEU C 92 -2.47 16.68 -12.82
N LEU C 93 -2.99 15.60 -12.23
CA LEU C 93 -2.33 14.28 -12.24
C LEU C 93 -2.26 13.75 -13.68
N LYS C 94 -3.32 13.89 -14.45
CA LYS C 94 -3.36 13.44 -15.85
C LYS C 94 -2.24 14.12 -16.63
N ALA C 95 -2.09 15.42 -16.46
CA ALA C 95 -1.13 16.24 -17.25
C ALA C 95 0.29 16.10 -16.66
N GLY C 96 0.45 15.72 -15.38
CA GLY C 96 1.77 15.78 -14.70
C GLY C 96 2.35 14.45 -14.28
N ALA C 97 1.55 13.44 -14.01
CA ALA C 97 1.94 12.19 -13.28
C ALA C 97 3.13 11.50 -13.95
N MET C 98 3.14 11.36 -15.28
CA MET C 98 4.14 10.55 -16.01
C MET C 98 5.51 11.26 -15.98
N GLU C 99 5.50 12.56 -16.08
CA GLU C 99 6.73 13.41 -16.01
C GLU C 99 7.34 13.31 -14.61
N VAL C 100 6.53 13.24 -13.53
CA VAL C 100 7.03 12.99 -12.15
C VAL C 100 7.65 11.60 -12.07
N VAL C 101 7.07 10.58 -12.71
CA VAL C 101 7.67 9.22 -12.83
C VAL C 101 9.03 9.36 -13.55
N LEU C 102 9.10 9.96 -14.74
CA LEU C 102 10.39 10.05 -15.50
C LEU C 102 11.45 10.72 -14.61
N VAL C 103 11.06 11.78 -13.87
CA VAL C 103 11.99 12.47 -12.94
C VAL C 103 12.38 11.52 -11.79
N ARG C 104 11.41 10.82 -11.16
CA ARG C 104 11.70 9.87 -10.03
C ARG C 104 12.65 8.75 -10.51
N MET C 105 12.53 8.33 -11.76
CA MET C 105 13.38 7.27 -12.38
C MET C 105 14.90 7.56 -12.31
N CYS C 106 15.37 8.81 -12.42
CA CYS C 106 16.83 9.18 -12.45
C CYS C 106 17.60 8.62 -11.23
N ARG C 107 16.90 8.38 -10.11
CA ARG C 107 17.43 7.81 -8.86
C ARG C 107 17.92 6.38 -9.06
N ALA C 108 17.32 5.64 -10.00
CA ALA C 108 17.53 4.21 -10.23
C ALA C 108 18.44 4.03 -11.44
N TYR C 109 19.09 5.10 -11.87
CA TYR C 109 20.02 5.16 -13.04
C TYR C 109 21.44 5.31 -12.48
N ASN C 110 22.36 4.43 -12.90
CA ASN C 110 23.81 4.45 -12.53
C ASN C 110 24.62 4.97 -13.73
N ALA C 111 25.07 6.22 -13.59
CA ALA C 111 25.82 7.04 -14.59
C ALA C 111 27.17 6.40 -14.94
N ASP C 112 27.79 5.73 -13.97
CA ASP C 112 29.12 5.07 -14.12
C ASP C 112 29.05 4.13 -15.33
N ASN C 113 28.13 3.16 -15.29
CA ASN C 113 28.03 2.02 -16.23
C ASN C 113 26.79 2.12 -17.15
N ARG C 114 25.96 3.18 -17.05
CA ARG C 114 24.76 3.40 -17.94
C ARG C 114 23.79 2.24 -17.76
N THR C 115 23.42 1.94 -16.51
CA THR C 115 22.51 0.81 -16.16
C THR C 115 21.41 1.33 -15.23
N VAL C 116 20.27 0.66 -15.24
CA VAL C 116 19.04 1.05 -14.52
C VAL C 116 18.61 -0.14 -13.68
N PHE C 117 17.99 0.15 -12.50
CA PHE C 117 17.38 -0.90 -11.64
C PHE C 117 16.12 -1.40 -12.31
N PHE C 118 16.03 -2.70 -12.60
CA PHE C 118 14.84 -3.33 -13.22
C PHE C 118 14.66 -4.73 -12.63
N GLU C 119 13.61 -4.92 -11.79
CA GLU C 119 13.16 -6.23 -11.26
C GLU C 119 14.30 -6.94 -10.52
N GLY C 120 14.99 -6.24 -9.62
CA GLY C 120 15.86 -6.85 -8.58
C GLY C 120 17.35 -6.66 -8.83
N LYS C 121 17.76 -6.39 -10.07
CA LYS C 121 19.14 -6.05 -10.48
C LYS C 121 19.21 -4.87 -11.48
N TYR C 122 20.43 -4.39 -11.76
CA TYR C 122 20.73 -3.31 -12.73
C TYR C 122 21.09 -3.92 -14.08
N GLY C 123 20.60 -3.29 -15.15
CA GLY C 123 21.06 -3.65 -16.52
C GLY C 123 21.03 -2.48 -17.46
N GLY C 124 21.52 -2.65 -18.69
CA GLY C 124 21.62 -1.57 -19.70
C GLY C 124 20.49 -1.60 -20.71
N MET C 125 20.49 -0.62 -21.64
CA MET C 125 19.50 -0.45 -22.74
C MET C 125 19.14 -1.80 -23.39
N GLU C 126 20.10 -2.69 -23.57
CA GLU C 126 19.95 -3.99 -24.27
C GLU C 126 18.98 -4.90 -23.49
N LEU C 127 18.76 -4.65 -22.20
CA LEU C 127 17.71 -5.34 -21.38
C LEU C 127 16.31 -5.18 -22.00
N PHE C 128 16.09 -4.14 -22.81
CA PHE C 128 14.77 -3.72 -23.37
C PHE C 128 14.68 -3.94 -24.90
N ARG C 129 15.54 -4.75 -25.53
CA ARG C 129 15.52 -4.92 -27.03
C ARG C 129 14.14 -5.40 -27.51
N ALA C 130 13.47 -6.26 -26.73
CA ALA C 130 12.18 -6.92 -27.06
C ALA C 130 11.01 -5.91 -27.15
N LEU C 131 11.14 -4.68 -26.63
CA LEU C 131 10.11 -3.62 -26.78
C LEU C 131 10.15 -3.03 -28.19
N GLY C 132 11.22 -3.26 -28.98
CA GLY C 132 11.35 -2.71 -30.35
C GLY C 132 11.11 -1.22 -30.41
N CYS C 133 11.72 -0.45 -29.49
CA CYS C 133 11.53 1.00 -29.28
C CYS C 133 12.87 1.65 -28.85
N SER C 134 13.95 1.29 -29.55
CA SER C 134 15.36 1.64 -29.24
C SER C 134 15.52 3.15 -29.09
N GLU C 135 14.95 3.92 -30.03
CA GLU C 135 14.97 5.41 -29.98
C GLU C 135 14.34 5.90 -28.66
N LEU C 136 13.17 5.38 -28.27
CA LEU C 136 12.51 5.77 -26.99
C LEU C 136 13.38 5.35 -25.81
N ILE C 137 13.87 4.11 -25.81
CA ILE C 137 14.78 3.61 -24.72
C ILE C 137 15.98 4.57 -24.56
N SER C 138 16.67 4.86 -25.65
CA SER C 138 17.90 5.70 -25.69
C SER C 138 17.59 7.08 -25.10
N SER C 139 16.43 7.65 -25.42
CA SER C 139 16.01 9.01 -24.97
C SER C 139 15.76 9.03 -23.46
N ILE C 140 15.07 8.01 -22.93
CA ILE C 140 14.78 7.92 -21.46
C ILE C 140 16.11 7.75 -20.72
N PHE C 141 17.06 7.02 -21.33
CA PHE C 141 18.43 6.84 -20.77
C PHE C 141 19.15 8.19 -20.77
N ASP C 142 19.12 8.93 -21.90
CA ASP C 142 19.82 10.26 -21.98
C ASP C 142 19.22 11.23 -20.95
N PHE C 143 17.89 11.22 -20.84
CA PHE C 143 17.15 12.04 -19.85
C PHE C 143 17.65 11.73 -18.44
N SER C 144 17.64 10.47 -18.05
CA SER C 144 18.03 10.02 -16.68
C SER C 144 19.51 10.38 -16.43
N HIS C 145 20.34 10.22 -17.46
CA HIS C 145 21.77 10.61 -17.48
C HIS C 145 21.88 12.10 -17.17
N SER C 146 21.13 12.92 -17.91
CA SER C 146 21.19 14.41 -17.72
C SER C 146 20.78 14.81 -16.29
N LEU C 147 19.73 14.23 -15.71
CA LEU C 147 19.35 14.57 -14.30
C LEU C 147 20.37 14.02 -13.33
N SER C 148 20.85 12.78 -13.54
CA SER C 148 21.87 12.19 -12.64
C SER C 148 23.12 13.09 -12.54
N ALA C 149 23.57 13.67 -13.65
CA ALA C 149 24.80 14.50 -13.77
C ALA C 149 24.65 15.84 -13.03
N LEU C 150 23.42 16.27 -12.73
CA LEU C 150 23.14 17.49 -11.92
C LEU C 150 23.08 17.16 -10.43
N HIS C 151 23.14 15.89 -10.05
CA HIS C 151 23.10 15.40 -8.66
C HIS C 151 21.93 16.05 -7.91
N PHE C 152 20.74 16.03 -8.51
CA PHE C 152 19.45 16.31 -7.82
C PHE C 152 19.42 15.55 -6.49
N SER C 153 19.37 16.27 -5.40
CA SER C 153 19.15 15.69 -4.05
C SER C 153 17.70 15.24 -3.98
N GLU C 154 17.37 14.51 -2.94
CA GLU C 154 15.98 14.06 -2.63
C GLU C 154 15.06 15.28 -2.51
N ASP C 155 15.49 16.30 -1.77
CA ASP C 155 14.73 17.54 -1.47
C ASP C 155 14.37 18.25 -2.79
N GLU C 156 15.36 18.41 -3.67
CA GLU C 156 15.19 18.99 -5.02
C GLU C 156 14.15 18.22 -5.81
N ILE C 157 14.32 16.92 -5.99
CA ILE C 157 13.30 16.05 -6.69
C ILE C 157 11.93 16.30 -6.01
N ALA C 158 11.86 16.29 -4.68
CA ALA C 158 10.57 16.36 -3.93
C ALA C 158 9.90 17.69 -4.30
N LEU C 159 10.63 18.79 -4.20
CA LEU C 159 10.08 20.15 -4.50
C LEU C 159 9.80 20.35 -5.97
N TYR C 160 10.62 19.78 -6.86
CA TYR C 160 10.51 20.01 -8.32
C TYR C 160 9.30 19.24 -8.82
N THR C 161 9.21 17.99 -8.42
CA THR C 161 8.07 17.11 -8.84
C THR C 161 6.74 17.66 -8.33
N ALA C 162 6.71 18.32 -7.17
CA ALA C 162 5.51 19.02 -6.66
C ALA C 162 5.11 20.10 -7.65
N LEU C 163 6.11 20.80 -8.21
CA LEU C 163 5.87 21.89 -9.17
C LEU C 163 5.55 21.38 -10.56
N VAL C 164 6.03 20.22 -10.93
CA VAL C 164 5.52 19.56 -12.17
C VAL C 164 3.99 19.36 -12.04
N LEU C 165 3.51 18.95 -10.84
CA LEU C 165 2.09 18.56 -10.63
C LEU C 165 1.24 19.83 -10.46
N ILE C 166 1.63 20.69 -9.52
CA ILE C 166 0.81 21.88 -9.13
C ILE C 166 1.12 23.02 -10.11
N ASN C 167 0.42 23.05 -11.21
CA ASN C 167 0.58 23.99 -12.36
C ASN C 167 -0.80 24.54 -12.72
N ALA C 168 -1.01 25.85 -12.55
CA ALA C 168 -2.30 26.54 -12.85
C ALA C 168 -2.51 26.78 -14.35
N HIS C 169 -1.56 26.43 -15.23
CA HIS C 169 -1.75 26.58 -16.71
C HIS C 169 -2.36 25.32 -17.35
N ARG C 170 -2.72 24.29 -16.56
CA ARG C 170 -3.29 23.03 -17.11
C ARG C 170 -4.70 23.31 -17.63
N PRO C 171 -4.96 23.11 -18.96
CA PRO C 171 -6.30 23.27 -19.53
C PRO C 171 -7.33 22.43 -18.74
N GLY C 172 -8.44 23.03 -18.35
CA GLY C 172 -9.63 22.33 -17.79
C GLY C 172 -9.73 22.43 -16.27
N LEU C 173 -9.04 23.40 -15.64
CA LEU C 173 -9.10 23.64 -14.17
C LEU C 173 -10.30 24.52 -13.83
N GLN C 174 -11.00 24.21 -12.73
CA GLN C 174 -12.20 24.92 -12.22
C GLN C 174 -11.77 26.04 -11.24
N GLU C 175 -10.83 25.75 -10.36
CA GLU C 175 -10.31 26.62 -9.28
C GLU C 175 -8.84 26.99 -9.58
N LYS C 176 -8.60 27.60 -10.74
CA LYS C 176 -7.26 28.13 -11.16
C LYS C 176 -6.61 28.94 -10.02
N ARG C 177 -7.34 29.85 -9.39
CA ARG C 177 -6.85 30.72 -8.28
C ARG C 177 -6.38 29.87 -7.12
N LYS C 178 -7.10 28.81 -6.78
CA LYS C 178 -6.70 27.89 -5.67
C LYS C 178 -5.39 27.20 -6.04
N VAL C 179 -5.17 26.87 -7.33
CA VAL C 179 -3.94 26.20 -7.85
C VAL C 179 -2.77 27.19 -7.91
N GLU C 180 -3.00 28.44 -8.32
CA GLU C 180 -1.98 29.56 -8.31
C GLU C 180 -1.44 29.71 -6.88
N GLN C 181 -2.32 29.79 -5.88
CA GLN C 181 -1.94 29.99 -4.46
C GLN C 181 -1.00 28.86 -4.04
N LEU C 182 -1.36 27.59 -4.32
CA LEU C 182 -0.52 26.42 -3.98
C LEU C 182 0.79 26.41 -4.79
N GLN C 183 0.76 26.75 -6.08
CA GLN C 183 1.98 26.78 -6.97
C GLN C 183 2.97 27.85 -6.48
N TYR C 184 2.47 29.08 -6.23
CA TYR C 184 3.27 30.24 -5.75
C TYR C 184 4.00 29.90 -4.46
N ASN C 185 3.27 29.39 -3.46
CA ASN C 185 3.83 28.94 -2.16
C ASN C 185 4.96 27.92 -2.36
N LEU C 186 4.80 27.00 -3.30
CA LEU C 186 5.83 25.99 -3.66
C LEU C 186 7.02 26.67 -4.37
N GLU C 187 6.76 27.67 -5.22
CA GLU C 187 7.85 28.43 -5.90
C GLU C 187 8.65 29.22 -4.86
N LEU C 188 7.97 29.85 -3.88
CA LEU C 188 8.64 30.58 -2.78
C LEU C 188 9.59 29.61 -2.10
N ALA C 189 9.02 28.50 -1.62
CA ALA C 189 9.67 27.43 -0.82
C ALA C 189 10.85 26.88 -1.61
N PHE C 190 10.67 26.60 -2.88
CA PHE C 190 11.76 25.99 -3.69
C PHE C 190 12.86 27.02 -3.86
N HIS C 191 12.49 28.28 -4.15
CA HIS C 191 13.44 29.40 -4.33
C HIS C 191 14.25 29.58 -3.05
N HIS C 192 13.60 29.63 -1.88
CA HIS C 192 14.28 29.71 -0.58
C HIS C 192 15.29 28.56 -0.44
N HIS C 193 14.86 27.33 -0.75
CA HIS C 193 15.74 26.14 -0.63
C HIS C 193 16.93 26.25 -1.59
N LEU C 194 16.70 26.62 -2.86
CA LEU C 194 17.80 26.74 -3.87
C LEU C 194 18.82 27.83 -3.48
N CYS C 195 18.36 28.90 -2.82
CA CYS C 195 19.21 30.02 -2.37
C CYS C 195 20.09 29.52 -1.22
N LYS C 196 19.49 28.95 -0.17
CA LYS C 196 20.16 28.25 0.98
C LYS C 196 21.27 27.33 0.48
N THR C 197 21.03 26.57 -0.59
CA THR C 197 21.95 25.53 -1.11
C THR C 197 22.84 26.09 -2.24
N HIS C 198 22.60 27.29 -2.75
CA HIS C 198 23.45 27.89 -3.83
C HIS C 198 23.28 27.09 -5.13
N ARG C 199 22.05 26.64 -5.40
CA ARG C 199 21.67 25.72 -6.49
C ARG C 199 20.64 26.43 -7.41
N GLN C 200 20.50 27.75 -7.28
CA GLN C 200 19.62 28.64 -8.08
C GLN C 200 19.60 28.23 -9.55
N SER C 201 20.74 27.80 -10.13
CA SER C 201 20.92 27.64 -11.62
C SER C 201 20.64 26.23 -12.14
N ILE C 202 20.33 25.23 -11.28
CA ILE C 202 20.13 23.81 -11.73
C ILE C 202 18.92 23.68 -12.66
N LEU C 203 17.87 24.47 -12.44
CA LEU C 203 16.60 24.32 -13.20
C LEU C 203 16.74 24.88 -14.61
N ALA C 204 17.77 25.67 -14.88
CA ALA C 204 18.11 26.15 -16.25
C ALA C 204 18.57 24.98 -17.11
N LYS C 205 19.20 23.95 -16.51
CA LYS C 205 19.88 22.87 -17.29
C LYS C 205 19.12 21.53 -17.23
N LEU C 206 17.83 21.54 -16.89
CA LEU C 206 16.97 20.32 -16.95
C LEU C 206 16.63 20.05 -18.41
N PRO C 207 16.79 18.80 -18.91
CA PRO C 207 16.23 18.43 -20.20
C PRO C 207 14.70 18.37 -20.12
N PRO C 208 13.99 18.70 -21.23
CA PRO C 208 12.53 18.70 -21.24
C PRO C 208 12.01 17.25 -21.18
N ALA C 209 10.90 17.05 -20.48
CA ALA C 209 10.31 15.72 -20.19
C ALA C 209 8.95 15.44 -20.88
N GLY C 210 8.21 16.46 -21.32
CA GLY C 210 6.84 16.38 -21.87
C GLY C 210 6.65 15.30 -22.95
N LYS C 211 7.42 15.34 -24.02
CA LYS C 211 7.27 14.42 -25.16
C LYS C 211 7.54 12.98 -24.74
N LEU C 212 8.61 12.74 -23.98
CA LEU C 212 8.93 11.37 -23.49
C LEU C 212 7.77 10.81 -22.65
N ALA C 213 7.23 11.61 -21.71
CA ALA C 213 6.11 11.23 -20.79
C ALA C 213 4.88 10.85 -21.63
N SER C 214 4.60 11.67 -22.63
CA SER C 214 3.45 11.47 -23.56
C SER C 214 3.55 10.10 -24.24
N LEU C 215 4.71 9.74 -24.81
CA LEU C 215 4.99 8.44 -25.48
C LEU C 215 4.74 7.27 -24.49
N CYS C 216 5.31 7.38 -23.28
CA CYS C 216 5.13 6.39 -22.18
C CYS C 216 3.65 6.22 -21.81
N SER C 217 2.91 7.32 -21.74
CA SER C 217 1.43 7.29 -21.53
C SER C 217 0.74 6.64 -22.72
N GLN C 218 1.19 6.90 -23.94
CA GLN C 218 0.58 6.33 -25.18
C GLN C 218 0.74 4.82 -25.15
N HIS C 219 1.96 4.37 -24.86
CA HIS C 219 2.25 2.92 -24.76
C HIS C 219 1.38 2.26 -23.69
N VAL C 220 1.23 2.86 -22.52
CA VAL C 220 0.39 2.31 -21.42
C VAL C 220 -1.06 2.16 -21.90
N GLU C 221 -1.59 3.14 -22.60
CA GLU C 221 -3.00 3.17 -23.10
C GLU C 221 -3.14 2.06 -24.16
N ARG C 222 -2.19 2.01 -25.13
CA ARG C 222 -2.15 0.97 -26.20
C ARG C 222 -2.33 -0.45 -25.60
N LEU C 223 -1.70 -0.72 -24.47
CA LEU C 223 -1.79 -2.04 -23.78
C LEU C 223 -3.15 -2.21 -23.07
N GLN C 224 -3.75 -1.15 -22.54
CA GLN C 224 -5.13 -1.23 -21.96
C GLN C 224 -6.12 -1.53 -23.10
N ILE C 225 -5.99 -0.86 -24.23
CA ILE C 225 -6.96 -0.95 -25.37
C ILE C 225 -6.97 -2.36 -25.97
N PHE C 226 -5.80 -3.00 -26.11
CA PHE C 226 -5.64 -4.28 -26.86
C PHE C 226 -5.46 -5.49 -25.91
N GLN C 227 -5.72 -5.34 -24.60
CA GLN C 227 -5.59 -6.43 -23.58
C GLN C 227 -6.32 -7.69 -24.04
N HIS C 228 -7.51 -7.55 -24.63
CA HIS C 228 -8.37 -8.70 -25.07
C HIS C 228 -7.72 -9.46 -26.25
N LEU C 229 -6.79 -8.83 -27.00
CA LEU C 229 -6.07 -9.53 -28.10
C LEU C 229 -4.90 -10.37 -27.59
N HIS C 230 -4.65 -10.40 -26.28
CA HIS C 230 -3.50 -11.08 -25.63
C HIS C 230 -3.97 -11.86 -24.39
N PRO C 231 -3.18 -12.83 -23.85
CA PRO C 231 -3.57 -13.55 -22.63
C PRO C 231 -3.62 -12.65 -21.39
N ILE C 232 -4.27 -13.11 -20.31
CA ILE C 232 -4.18 -12.45 -18.96
C ILE C 232 -2.79 -12.71 -18.38
N GLU D 6 -6.13 8.16 -17.29
CA GLU D 6 -7.19 8.79 -16.43
C GLU D 6 -7.82 7.74 -15.50
N ALA D 7 -8.09 6.51 -15.96
CA ALA D 7 -8.76 5.44 -15.17
C ALA D 7 -7.85 4.95 -14.04
N ILE D 8 -6.57 4.73 -14.38
CA ILE D 8 -5.47 4.53 -13.39
C ILE D 8 -5.67 5.51 -12.24
N ILE D 9 -5.75 6.80 -12.60
CA ILE D 9 -5.63 7.94 -11.66
C ILE D 9 -6.95 8.06 -10.88
N ARG D 10 -8.08 7.82 -11.57
CA ARG D 10 -9.45 7.76 -10.98
C ARG D 10 -9.48 6.68 -9.91
N LYS D 11 -9.19 5.43 -10.28
CA LYS D 11 -9.11 4.30 -9.30
C LYS D 11 -8.18 4.73 -8.18
N ALA D 12 -6.92 5.02 -8.53
CA ALA D 12 -5.82 5.28 -7.56
C ALA D 12 -6.21 6.35 -6.53
N LEU D 13 -7.05 7.34 -6.89
CA LEU D 13 -7.55 8.38 -5.94
C LEU D 13 -8.47 7.75 -4.89
N MET D 14 -9.42 6.91 -5.32
CA MET D 14 -10.42 6.20 -4.47
C MET D 14 -11.36 7.23 -3.84
N SER E 6 22.61 -21.86 16.84
CA SER E 6 23.94 -21.21 16.46
C SER E 6 23.68 -19.86 15.78
N LEU E 7 22.74 -19.81 14.82
CA LEU E 7 22.41 -18.60 14.02
C LEU E 7 21.98 -17.46 14.97
N THR E 8 21.13 -17.79 15.94
CA THR E 8 20.55 -16.83 16.93
C THR E 8 21.65 -16.16 17.74
N GLU E 9 22.76 -16.85 18.07
CA GLU E 9 23.94 -16.27 18.79
C GLU E 9 24.65 -15.22 17.91
N ILE E 10 24.93 -15.57 16.64
CA ILE E 10 25.52 -14.67 15.60
C ILE E 10 24.61 -13.44 15.44
N GLU E 11 23.30 -13.68 15.26
CA GLU E 11 22.27 -12.61 15.13
C GLU E 11 22.26 -11.76 16.42
N HIS E 12 22.49 -12.37 17.60
CA HIS E 12 22.55 -11.70 18.92
C HIS E 12 23.79 -10.77 18.96
N LEU E 13 24.95 -11.30 18.52
CA LEU E 13 26.22 -10.52 18.44
C LEU E 13 26.05 -9.36 17.43
N VAL E 14 25.46 -9.61 16.25
CA VAL E 14 25.13 -8.53 15.26
C VAL E 14 24.38 -7.38 15.97
N GLN E 15 23.26 -7.71 16.62
CA GLN E 15 22.34 -6.75 17.29
C GLN E 15 23.07 -6.04 18.43
N SER E 16 23.91 -6.79 19.16
CA SER E 16 24.78 -6.28 20.23
C SER E 16 25.75 -5.23 19.67
N VAL E 17 26.44 -5.52 18.56
CA VAL E 17 27.41 -4.58 17.91
C VAL E 17 26.64 -3.35 17.39
N CYS E 18 25.50 -3.58 16.75
CA CYS E 18 24.71 -2.47 16.15
C CYS E 18 24.12 -1.56 17.25
N LYS E 19 23.70 -2.16 18.38
CA LYS E 19 23.22 -1.40 19.56
C LYS E 19 24.38 -0.52 20.08
N SER E 20 25.52 -1.17 20.38
CA SER E 20 26.77 -0.50 20.82
C SER E 20 27.10 0.68 19.88
N TYR E 21 26.99 0.46 18.57
CA TYR E 21 27.29 1.51 17.56
C TYR E 21 26.26 2.66 17.62
N ARG E 22 24.97 2.33 17.62
CA ARG E 22 23.87 3.34 17.59
C ARG E 22 24.06 4.30 18.77
N GLU E 23 24.23 3.76 19.98
CA GLU E 23 24.41 4.55 21.23
C GLU E 23 25.67 5.43 21.23
N THR E 24 26.66 5.17 20.36
CA THR E 24 28.00 5.82 20.42
C THR E 24 28.33 6.52 19.10
N CYS E 25 27.41 6.55 18.14
CA CYS E 25 27.69 7.09 16.76
C CYS E 25 27.93 8.60 16.75
N GLN E 26 27.75 9.32 17.86
CA GLN E 26 27.88 10.81 18.00
C GLN E 26 26.63 11.47 17.43
N ARG E 28 23.18 11.39 15.11
CA ARG E 28 22.32 10.44 14.34
C ARG E 28 22.52 10.70 12.85
N LEU E 29 22.45 9.67 12.03
CA LEU E 29 22.63 9.81 10.55
C LEU E 29 21.58 10.77 9.97
N GLU E 30 20.33 10.60 10.38
CA GLU E 30 19.16 11.43 9.96
C GLU E 30 19.52 12.92 10.10
N ASP E 31 20.14 13.26 11.24
CA ASP E 31 20.51 14.66 11.60
C ASP E 31 21.56 15.13 10.60
N LEU E 32 22.64 14.37 10.40
CA LEU E 32 23.68 14.68 9.38
C LEU E 32 23.04 14.84 7.99
N LEU E 33 22.14 13.96 7.58
CA LEU E 33 21.52 14.03 6.22
C LEU E 33 20.62 15.28 6.12
N ARG E 34 19.79 15.55 7.12
CA ARG E 34 18.87 16.73 7.17
C ARG E 34 19.65 18.05 7.17
N GLN E 35 20.80 18.11 7.84
CA GLN E 35 21.60 19.35 7.92
C GLN E 35 22.35 19.63 6.61
N ARG E 36 22.32 18.73 5.62
CA ARG E 36 23.11 18.86 4.36
C ARG E 36 22.75 20.15 3.64
N SER E 37 21.50 20.58 3.75
CA SER E 37 20.96 21.83 3.14
C SER E 37 21.61 23.05 3.83
N ASN E 38 21.89 22.93 5.12
CA ASN E 38 22.39 24.03 5.97
C ASN E 38 23.90 24.16 5.72
N ILE E 39 24.30 25.07 4.82
CA ILE E 39 25.65 25.20 4.18
C ILE E 39 26.28 26.52 4.60
N PHE E 40 27.60 26.54 4.91
CA PHE E 40 28.33 27.79 5.27
C PHE E 40 28.33 28.82 4.12
N SER E 41 28.02 30.09 4.45
CA SER E 41 28.11 31.26 3.54
C SER E 41 29.58 31.59 3.24
N ARG E 42 29.82 32.26 2.11
CA ARG E 42 31.16 32.75 1.67
C ARG E 42 31.77 33.62 2.77
N GLU E 43 30.94 34.35 3.52
CA GLU E 43 31.37 35.17 4.70
C GLU E 43 31.89 34.25 5.82
N GLU E 44 31.14 33.19 6.13
CA GLU E 44 31.45 32.24 7.25
C GLU E 44 32.69 31.42 6.88
N VAL E 45 32.84 31.09 5.62
CA VAL E 45 34.11 30.53 5.04
C VAL E 45 35.28 31.48 5.31
N THR E 46 35.13 32.77 4.99
CA THR E 46 36.22 33.79 5.12
C THR E 46 36.60 33.93 6.61
N GLY E 47 35.59 33.90 7.52
CA GLY E 47 35.83 33.89 8.97
C GLY E 47 36.80 32.77 9.38
N TYR E 48 36.55 31.53 8.96
CA TYR E 48 37.38 30.33 9.24
C TYR E 48 38.77 30.50 8.61
N GLN E 49 38.84 31.02 7.37
CA GLN E 49 40.15 31.22 6.68
C GLN E 49 40.95 32.34 7.35
N ARG E 50 40.28 33.32 8.02
CA ARG E 50 41.00 34.43 8.72
C ARG E 50 41.56 33.97 10.08
N LYS E 51 41.17 32.83 10.62
CA LYS E 51 41.65 32.37 11.96
C LYS E 51 43.14 32.03 11.91
N SER E 52 43.79 32.00 13.07
CA SER E 52 45.19 31.57 13.20
C SER E 52 45.29 30.07 12.98
N MET E 53 46.44 29.64 12.45
CA MET E 53 46.85 28.22 12.35
C MET E 53 46.57 27.49 13.67
N TRP E 54 46.99 28.05 14.80
CA TRP E 54 46.84 27.42 16.13
C TRP E 54 45.33 27.26 16.45
N GLU E 55 44.57 28.33 16.34
CA GLU E 55 43.11 28.34 16.68
C GLU E 55 42.33 27.34 15.84
N MET E 56 42.69 27.17 14.55
CA MET E 56 42.02 26.20 13.65
C MET E 56 42.45 24.77 14.00
N TRP E 57 43.73 24.55 14.32
CA TRP E 57 44.22 23.20 14.73
C TRP E 57 43.64 22.80 16.09
N GLU E 58 43.47 23.77 17.00
CA GLU E 58 42.94 23.52 18.36
C GLU E 58 41.52 22.97 18.24
N ARG E 59 40.68 23.66 17.45
CA ARG E 59 39.27 23.26 17.19
C ARG E 59 39.22 21.82 16.65
N CYS E 60 39.97 21.55 15.58
CA CYS E 60 40.03 20.26 14.85
C CYS E 60 40.56 19.13 15.80
N ALA E 61 41.62 19.39 16.54
CA ALA E 61 42.14 18.46 17.57
C ALA E 61 41.07 18.18 18.64
N HIS E 62 40.36 19.22 19.09
CA HIS E 62 39.23 19.06 20.06
C HIS E 62 38.20 18.09 19.47
N HIS E 63 37.88 18.18 18.17
CA HIS E 63 36.85 17.32 17.52
C HIS E 63 37.38 15.90 17.35
N LEU E 64 38.64 15.77 16.89
CA LEU E 64 39.29 14.45 16.76
C LEU E 64 39.29 13.71 18.11
N THR E 65 39.68 14.43 19.16
CA THR E 65 39.77 13.93 20.57
C THR E 65 38.40 13.45 21.02
N GLU E 66 37.39 14.29 20.84
CA GLU E 66 35.98 13.94 21.16
C GLU E 66 35.65 12.65 20.38
N ALA E 67 36.01 12.57 19.10
CA ALA E 67 35.61 11.45 18.24
C ALA E 67 36.27 10.17 18.77
N ILE E 68 37.53 10.27 19.13
CA ILE E 68 38.28 9.09 19.69
C ILE E 68 37.60 8.60 20.99
N GLN E 69 37.05 9.50 21.81
CA GLN E 69 36.40 9.18 23.12
C GLN E 69 35.12 8.40 22.87
N TYR E 70 34.41 8.67 21.77
CA TYR E 70 33.16 7.97 21.37
C TYR E 70 33.49 6.52 20.93
N VAL E 71 34.65 6.32 20.30
CA VAL E 71 35.14 4.99 19.87
C VAL E 71 35.47 4.15 21.10
N VAL E 72 36.02 4.77 22.14
CA VAL E 72 36.36 4.07 23.41
C VAL E 72 35.04 3.62 24.06
N GLU E 73 34.03 4.50 24.09
CA GLU E 73 32.67 4.15 24.58
C GLU E 73 32.08 3.04 23.70
N PHE E 74 32.35 3.05 22.39
CA PHE E 74 31.94 1.97 21.45
C PHE E 74 32.57 0.66 21.92
N ALA E 75 33.90 0.67 22.08
CA ALA E 75 34.66 -0.55 22.44
C ALA E 75 34.17 -1.06 23.80
N LYS E 76 34.05 -0.18 24.79
CA LYS E 76 33.58 -0.53 26.17
C LYS E 76 32.31 -1.36 26.11
N ARG E 77 31.37 -1.04 25.21
CA ARG E 77 30.07 -1.76 25.07
C ARG E 77 30.18 -3.02 24.18
N LEU E 78 31.34 -3.34 23.59
CA LEU E 78 31.51 -4.55 22.74
C LEU E 78 31.68 -5.77 23.67
N SER E 79 30.93 -6.84 23.41
CA SER E 79 30.93 -8.07 24.24
C SER E 79 32.32 -8.69 24.16
N GLY E 80 32.96 -8.88 25.32
CA GLY E 80 34.26 -9.54 25.45
C GLY E 80 35.39 -8.55 25.67
N PHE E 81 35.20 -7.29 25.26
CA PHE E 81 36.28 -6.26 25.23
C PHE E 81 36.66 -5.83 26.67
N MET E 82 35.68 -5.67 27.57
CA MET E 82 35.92 -5.30 28.98
C MET E 82 36.48 -6.49 29.77
N GLU E 83 36.17 -7.73 29.34
CA GLU E 83 36.80 -8.98 29.88
C GLU E 83 38.33 -8.96 29.65
N LEU E 84 38.82 -8.33 28.58
CA LEU E 84 40.28 -8.27 28.29
C LEU E 84 41.01 -7.50 29.39
N CYS E 85 42.30 -7.76 29.57
CA CYS E 85 43.18 -7.01 30.49
C CYS E 85 43.43 -5.60 29.92
N GLN E 86 43.65 -4.64 30.83
CA GLN E 86 43.73 -3.20 30.55
C GLN E 86 44.75 -2.97 29.40
N ASN E 87 45.91 -3.63 29.44
CA ASN E 87 46.98 -3.59 28.41
C ASN E 87 46.40 -3.82 27.00
N ASP E 88 45.58 -4.86 26.86
CA ASP E 88 45.09 -5.34 25.55
C ASP E 88 44.11 -4.31 25.00
N GLN E 89 43.16 -3.88 25.83
CA GLN E 89 42.19 -2.79 25.57
C GLN E 89 42.92 -1.58 24.98
N ILE E 90 44.02 -1.18 25.61
CA ILE E 90 44.86 0.02 25.25
C ILE E 90 45.58 -0.26 23.93
N VAL E 91 46.22 -1.43 23.81
CA VAL E 91 46.99 -1.79 22.58
C VAL E 91 46.04 -1.78 21.39
N LEU E 92 44.83 -2.33 21.53
CA LEU E 92 43.86 -2.43 20.41
C LEU E 92 43.36 -1.02 20.02
N LEU E 93 42.95 -0.25 21.02
CA LEU E 93 42.40 1.12 20.81
C LEU E 93 43.50 2.02 20.23
N LYS E 94 44.73 1.93 20.72
CA LYS E 94 45.86 2.76 20.24
C LYS E 94 46.03 2.50 18.76
N ALA E 95 46.00 1.24 18.37
CA ALA E 95 46.30 0.82 16.98
C ALA E 95 45.05 1.02 16.08
N GLY E 96 43.82 1.07 16.65
CA GLY E 96 42.58 1.04 15.85
C GLY E 96 41.74 2.30 15.91
N ALA E 97 41.78 3.07 16.98
CA ALA E 97 40.75 4.11 17.30
C ALA E 97 40.63 5.17 16.18
N MET E 98 41.76 5.64 15.63
CA MET E 98 41.78 6.77 14.67
C MET E 98 41.17 6.32 13.30
N GLU E 99 41.45 5.10 12.91
CA GLU E 99 40.91 4.51 11.66
C GLU E 99 39.38 4.33 11.80
N VAL E 100 38.86 4.00 12.99
CA VAL E 100 37.39 3.96 13.26
C VAL E 100 36.81 5.38 13.12
N VAL E 101 37.51 6.40 13.59
CA VAL E 101 37.10 7.83 13.39
C VAL E 101 37.07 8.11 11.87
N LEU E 102 38.16 7.87 11.12
CA LEU E 102 38.14 8.16 9.65
C LEU E 102 36.96 7.46 8.97
N VAL E 103 36.67 6.22 9.35
CA VAL E 103 35.52 5.45 8.81
C VAL E 103 34.20 6.14 9.24
N ARG E 104 34.04 6.48 10.54
CA ARG E 104 32.80 7.13 11.05
C ARG E 104 32.58 8.48 10.35
N MET E 105 33.65 9.18 10.00
CA MET E 105 33.61 10.50 9.31
C MET E 105 32.85 10.47 7.96
N CYS E 106 32.89 9.39 7.17
CA CYS E 106 32.28 9.29 5.81
C CYS E 106 30.78 9.57 5.86
N ARG E 107 30.14 9.35 7.01
CA ARG E 107 28.70 9.65 7.26
C ARG E 107 28.41 11.16 7.18
N ALA E 108 29.38 12.00 7.51
CA ALA E 108 29.24 13.49 7.63
C ALA E 108 29.77 14.17 6.38
N TYR E 109 30.07 13.35 5.34
CA TYR E 109 30.55 13.77 4.01
C TYR E 109 29.36 13.69 3.02
N ASN E 110 29.13 14.77 2.29
CA ASN E 110 28.11 14.86 1.20
C ASN E 110 28.85 14.83 -0.16
N ALA E 111 28.75 13.68 -0.84
CA ALA E 111 29.37 13.33 -2.13
C ALA E 111 28.81 14.21 -3.26
N ASP E 112 27.56 14.64 -3.14
CA ASP E 112 26.88 15.51 -4.14
C ASP E 112 27.74 16.74 -4.42
N ASN E 113 28.04 17.52 -3.39
CA ASN E 113 28.72 18.84 -3.47
C ASN E 113 30.14 18.81 -2.84
N ARG E 114 30.64 17.67 -2.35
CA ARG E 114 32.04 17.52 -1.79
C ARG E 114 32.20 18.44 -0.57
N THR E 115 31.25 18.35 0.37
CA THR E 115 31.19 19.17 1.61
C THR E 115 31.02 18.26 2.82
N VAL E 116 31.46 18.73 3.98
CA VAL E 116 31.55 17.95 5.25
C VAL E 116 30.84 18.79 6.32
N PHE E 117 30.20 18.10 7.28
CA PHE E 117 29.56 18.73 8.47
C PHE E 117 30.67 19.19 9.41
N PHE E 118 30.74 20.48 9.72
CA PHE E 118 31.74 21.04 10.65
C PHE E 118 31.08 22.19 11.45
N GLU E 119 30.85 21.98 12.74
CA GLU E 119 30.39 22.97 13.74
C GLU E 119 29.06 23.60 13.26
N GLY E 120 28.08 22.77 12.89
CA GLY E 120 26.66 23.14 12.74
C GLY E 120 26.20 23.22 11.28
N LYS E 121 27.13 23.40 10.34
CA LYS E 121 26.85 23.50 8.89
C LYS E 121 27.88 22.72 8.05
N TYR E 122 27.57 22.56 6.75
CA TYR E 122 28.42 21.85 5.77
C TYR E 122 29.29 22.88 5.02
N GLY E 123 30.54 22.49 4.76
CA GLY E 123 31.38 23.29 3.85
C GLY E 123 32.44 22.44 3.18
N GLY E 124 33.25 23.06 2.30
CA GLY E 124 34.26 22.34 1.51
C GLY E 124 35.66 22.46 2.07
N MET E 125 36.64 21.83 1.40
CA MET E 125 38.11 21.85 1.71
C MET E 125 38.58 23.22 2.15
N GLU E 126 38.08 24.28 1.52
CA GLU E 126 38.54 25.69 1.73
C GLU E 126 38.23 26.13 3.16
N LEU E 127 37.30 25.44 3.84
CA LEU E 127 36.96 25.70 5.27
C LEU E 127 38.19 25.50 6.16
N PHE E 128 39.19 24.73 5.70
CA PHE E 128 40.38 24.27 6.45
C PHE E 128 41.69 24.90 5.92
N ARG E 129 41.65 26.00 5.15
CA ARG E 129 42.88 26.57 4.53
C ARG E 129 43.91 26.95 5.63
N ALA E 130 43.43 27.42 6.79
CA ALA E 130 44.27 27.97 7.89
C ALA E 130 45.13 26.88 8.56
N LEU E 131 44.85 25.59 8.36
CA LEU E 131 45.69 24.48 8.88
C LEU E 131 46.98 24.37 8.07
N GLY E 132 47.08 24.99 6.88
CA GLY E 132 48.27 24.92 6.00
C GLY E 132 48.74 23.47 5.77
N CYS E 133 47.79 22.57 5.46
CA CYS E 133 47.96 21.10 5.29
C CYS E 133 46.98 20.60 4.20
N SER E 134 46.99 21.32 3.09
CA SER E 134 46.17 21.08 1.86
C SER E 134 46.25 19.62 1.44
N GLU E 135 47.47 19.06 1.38
CA GLU E 135 47.74 17.64 1.04
C GLU E 135 46.92 16.74 1.97
N LEU E 136 47.03 16.94 3.29
CA LEU E 136 46.26 16.13 4.28
C LEU E 136 44.75 16.31 4.07
N ILE E 137 44.31 17.56 3.97
CA ILE E 137 42.86 17.86 3.78
C ILE E 137 42.31 17.12 2.54
N SER E 138 43.01 17.26 1.41
CA SER E 138 42.61 16.69 0.11
C SER E 138 42.48 15.16 0.23
N SER E 139 43.40 14.52 0.95
CA SER E 139 43.47 13.06 1.14
C SER E 139 42.29 12.58 2.00
N ILE E 140 41.97 13.28 3.08
CA ILE E 140 40.84 12.89 3.98
C ILE E 140 39.53 13.07 3.20
N PHE E 141 39.47 14.05 2.30
CA PHE E 141 38.30 14.27 1.40
C PHE E 141 38.20 13.11 0.41
N ASP E 142 39.33 12.75 -0.24
CA ASP E 142 39.33 11.63 -1.22
C ASP E 142 38.91 10.33 -0.53
N PHE E 143 39.46 10.09 0.67
CA PHE E 143 39.15 8.92 1.50
C PHE E 143 37.65 8.87 1.76
N SER E 144 37.07 9.95 2.29
CA SER E 144 35.63 10.01 2.67
C SER E 144 34.76 9.80 1.43
N HIS E 145 35.20 10.37 0.30
CA HIS E 145 34.55 10.20 -1.02
C HIS E 145 34.55 8.72 -1.40
N SER E 146 35.71 8.07 -1.34
CA SER E 146 35.86 6.64 -1.71
C SER E 146 35.02 5.73 -0.79
N LEU E 147 34.99 5.95 0.51
CA LEU E 147 34.13 5.15 1.44
C LEU E 147 32.67 5.43 1.15
N SER E 148 32.33 6.72 0.96
CA SER E 148 30.93 7.16 0.72
C SER E 148 30.35 6.39 -0.47
N ALA E 149 31.13 6.22 -1.54
CA ALA E 149 30.76 5.60 -2.83
C ALA E 149 30.44 4.11 -2.66
N LEU E 150 30.83 3.45 -1.57
CA LEU E 150 30.50 2.02 -1.28
C LEU E 150 29.20 1.93 -0.47
N HIS E 151 28.67 3.05 -0.01
CA HIS E 151 27.30 3.16 0.60
C HIS E 151 27.18 2.13 1.74
N PHE E 152 28.18 2.09 2.60
CA PHE E 152 28.13 1.37 3.89
C PHE E 152 26.84 1.79 4.62
N SER E 153 26.00 0.82 4.93
CA SER E 153 24.87 1.00 5.89
C SER E 153 25.44 1.22 7.29
N GLU E 154 24.58 1.60 8.23
CA GLU E 154 24.96 1.75 9.67
C GLU E 154 25.46 0.40 10.20
N ASP E 155 24.78 -0.70 9.90
CA ASP E 155 25.14 -2.06 10.39
C ASP E 155 26.53 -2.44 9.89
N GLU E 156 26.79 -2.23 8.62
CA GLU E 156 28.12 -2.52 8.00
C GLU E 156 29.21 -1.71 8.72
N ILE E 157 29.08 -0.39 8.83
CA ILE E 157 30.05 0.46 9.62
C ILE E 157 30.20 -0.15 11.02
N ALA E 158 29.08 -0.48 11.69
CA ALA E 158 29.13 -0.97 13.08
C ALA E 158 29.97 -2.26 13.13
N LEU E 159 29.69 -3.22 12.26
CA LEU E 159 30.41 -4.52 12.23
C LEU E 159 31.86 -4.37 11.74
N TYR E 160 32.12 -3.47 10.79
CA TYR E 160 33.44 -3.26 10.20
C TYR E 160 34.35 -2.57 11.17
N THR E 161 33.86 -1.54 11.83
CA THR E 161 34.66 -0.81 12.80
C THR E 161 35.01 -1.71 13.97
N ALA E 162 34.12 -2.61 14.35
CA ALA E 162 34.45 -3.55 15.44
C ALA E 162 35.65 -4.41 15.02
N LEU E 163 35.71 -4.78 13.75
CA LEU E 163 36.85 -5.60 13.22
C LEU E 163 38.10 -4.77 13.00
N VAL E 164 37.99 -3.49 12.75
CA VAL E 164 39.19 -2.60 12.82
C VAL E 164 39.80 -2.67 14.23
N LEU E 165 38.96 -2.69 15.27
CA LEU E 165 39.42 -2.63 16.68
C LEU E 165 39.88 -4.01 17.14
N ILE E 166 39.05 -5.05 16.97
CA ILE E 166 39.35 -6.41 17.51
C ILE E 166 40.25 -7.18 16.52
N ASN E 167 41.55 -6.96 16.62
CA ASN E 167 42.60 -7.53 15.74
C ASN E 167 43.72 -8.17 16.60
N ALA E 168 43.87 -9.49 16.52
CA ALA E 168 44.88 -10.30 17.25
C ALA E 168 46.31 -10.17 16.65
N HIS E 169 46.53 -9.41 15.58
CA HIS E 169 47.88 -9.19 14.99
C HIS E 169 48.56 -7.95 15.57
N ARG E 170 47.97 -7.27 16.55
CA ARG E 170 48.57 -6.01 17.11
C ARG E 170 49.75 -6.40 18.00
N PRO E 171 51.00 -5.94 17.68
CA PRO E 171 52.14 -6.14 18.58
C PRO E 171 51.82 -5.61 20.00
N GLY E 172 52.09 -6.43 21.03
CA GLY E 172 52.02 -6.04 22.43
C GLY E 172 50.81 -6.60 23.17
N LEU E 173 50.12 -7.60 22.58
CA LEU E 173 48.94 -8.25 23.21
C LEU E 173 49.39 -9.40 24.14
N GLN E 174 48.71 -9.54 25.27
CA GLN E 174 48.96 -10.55 26.33
C GLN E 174 48.12 -11.79 26.09
N GLU E 175 46.85 -11.59 25.75
CA GLU E 175 45.81 -12.65 25.59
C GLU E 175 45.40 -12.75 24.12
N LYS E 176 46.39 -13.02 23.23
CA LYS E 176 46.21 -13.23 21.77
C LYS E 176 44.99 -14.11 21.52
N ARG E 177 44.92 -15.27 22.20
CA ARG E 177 43.87 -16.32 22.01
C ARG E 177 42.51 -15.72 22.34
N LYS E 178 42.41 -14.91 23.40
CA LYS E 178 41.13 -14.27 23.81
C LYS E 178 40.70 -13.30 22.69
N VAL E 179 41.64 -12.62 22.02
CA VAL E 179 41.37 -11.64 20.93
C VAL E 179 41.01 -12.37 19.63
N GLU E 180 41.68 -13.50 19.32
CA GLU E 180 41.35 -14.38 18.15
C GLU E 180 39.89 -14.81 18.27
N GLN E 181 39.49 -15.30 19.45
CA GLN E 181 38.12 -15.83 19.69
C GLN E 181 37.12 -14.71 19.39
N LEU E 182 37.33 -13.50 19.91
CA LEU E 182 36.43 -12.33 19.67
C LEU E 182 36.46 -11.91 18.20
N GLN E 183 37.63 -11.88 17.53
CA GLN E 183 37.78 -11.46 16.09
C GLN E 183 37.05 -12.45 15.19
N TYR E 184 37.29 -13.76 15.40
CA TYR E 184 36.67 -14.87 14.61
C TYR E 184 35.15 -14.78 14.67
N ASN E 185 34.58 -14.68 15.89
CA ASN E 185 33.11 -14.56 16.12
C ASN E 185 32.55 -13.35 15.36
N LEU E 186 33.26 -12.22 15.34
CA LEU E 186 32.88 -10.99 14.58
C LEU E 186 32.98 -11.24 13.08
N GLU E 187 33.98 -12.00 12.62
CA GLU E 187 34.09 -12.36 11.18
C GLU E 187 32.92 -13.28 10.79
N LEU E 188 32.59 -14.25 11.61
CA LEU E 188 31.39 -15.15 11.37
C LEU E 188 30.16 -14.26 11.18
N ALA E 189 29.90 -13.42 12.19
CA ALA E 189 28.75 -12.50 12.31
C ALA E 189 28.68 -11.60 11.10
N PHE E 190 29.80 -10.99 10.74
CA PHE E 190 29.82 -10.01 9.62
C PHE E 190 29.58 -10.80 8.32
N HIS E 191 30.22 -11.95 8.18
CA HIS E 191 30.07 -12.83 6.98
C HIS E 191 28.61 -13.25 6.82
N HIS E 192 27.95 -13.71 7.88
CA HIS E 192 26.48 -14.03 7.86
C HIS E 192 25.70 -12.82 7.39
N HIS E 193 25.99 -11.62 7.93
CA HIS E 193 25.26 -10.39 7.55
C HIS E 193 25.50 -10.07 6.07
N LEU E 194 26.75 -10.11 5.61
CA LEU E 194 27.09 -9.77 4.18
C LEU E 194 26.44 -10.76 3.21
N CYS E 195 26.30 -12.04 3.60
CA CYS E 195 25.69 -13.10 2.76
C CYS E 195 24.18 -12.81 2.64
N LYS E 196 23.48 -12.62 3.77
CA LYS E 196 22.06 -12.17 3.85
C LYS E 196 21.77 -10.99 2.93
N THR E 197 22.68 -10.02 2.87
CA THR E 197 22.51 -8.74 2.12
C THR E 197 23.14 -8.82 0.73
N HIS E 198 23.90 -9.88 0.40
CA HIS E 198 24.53 -10.04 -0.96
C HIS E 198 25.58 -8.95 -1.18
N ARG E 199 26.33 -8.63 -0.11
CA ARG E 199 27.31 -7.51 -0.03
C ARG E 199 28.71 -8.08 0.25
N GLN E 200 28.88 -9.39 0.05
CA GLN E 200 30.15 -10.15 0.22
C GLN E 200 31.36 -9.35 -0.28
N SER E 201 31.23 -8.55 -1.36
CA SER E 201 32.37 -7.95 -2.11
C SER E 201 32.77 -6.55 -1.66
N ILE E 202 32.09 -5.92 -0.69
CA ILE E 202 32.34 -4.48 -0.33
C ILE E 202 33.73 -4.27 0.26
N LEU E 203 34.24 -5.23 1.02
CA LEU E 203 35.54 -5.08 1.76
C LEU E 203 36.72 -5.23 0.79
N ALA E 204 36.50 -5.70 -0.44
CA ALA E 204 37.55 -5.85 -1.47
C ALA E 204 38.10 -4.49 -1.90
N LYS E 205 37.26 -3.45 -1.92
CA LYS E 205 37.58 -2.17 -2.63
C LYS E 205 37.74 -1.01 -1.63
N LEU E 206 38.12 -1.30 -0.38
CA LEU E 206 38.26 -0.28 0.69
C LEU E 206 39.53 0.52 0.44
N PRO E 207 39.48 1.88 0.46
CA PRO E 207 40.68 2.69 0.36
C PRO E 207 41.53 2.55 1.62
N PRO E 208 42.88 2.57 1.49
CA PRO E 208 43.77 2.31 2.64
C PRO E 208 43.73 3.50 3.60
N ALA E 209 43.74 3.21 4.90
CA ALA E 209 43.37 4.16 5.98
C ALA E 209 44.54 4.44 6.94
N GLY E 210 45.48 3.51 7.10
CA GLY E 210 46.58 3.53 8.09
C GLY E 210 47.39 4.81 8.09
N LYS E 211 47.89 5.25 6.93
CA LYS E 211 48.75 6.45 6.77
C LYS E 211 48.00 7.68 7.25
N LEU E 212 46.76 7.88 6.77
CA LEU E 212 45.93 9.06 7.13
C LEU E 212 45.66 9.10 8.63
N ALA E 213 45.30 7.97 9.25
CA ALA E 213 45.02 7.84 10.70
C ALA E 213 46.28 8.24 11.50
N SER E 214 47.42 7.73 11.07
CA SER E 214 48.74 7.99 11.70
C SER E 214 49.01 9.50 11.73
N LEU E 215 48.83 10.19 10.61
CA LEU E 215 49.04 11.66 10.47
C LEU E 215 48.13 12.43 11.44
N CYS E 216 46.86 12.07 11.45
CA CYS E 216 45.80 12.63 12.36
C CYS E 216 46.20 12.41 13.82
N SER E 217 46.72 11.26 14.15
CA SER E 217 47.27 10.96 15.52
C SER E 217 48.50 11.80 15.81
N GLN E 218 49.37 12.00 14.82
CA GLN E 218 50.62 12.79 14.99
C GLN E 218 50.24 14.23 15.29
N HIS E 219 49.31 14.77 14.51
CA HIS E 219 48.85 16.17 14.70
C HIS E 219 48.23 16.34 16.09
N VAL E 220 47.39 15.40 16.54
CA VAL E 220 46.73 15.47 17.88
C VAL E 220 47.81 15.50 18.97
N GLU E 221 48.86 14.69 18.83
CA GLU E 221 49.96 14.59 19.84
C GLU E 221 50.73 15.91 19.83
N ARG E 222 51.11 16.40 18.62
CA ARG E 222 51.84 17.69 18.44
C ARG E 222 51.16 18.81 19.24
N LEU E 223 49.83 18.84 19.27
CA LEU E 223 49.06 19.88 20.01
C LEU E 223 49.10 19.63 21.52
N GLN E 224 49.12 18.38 21.97
CA GLN E 224 49.25 18.05 23.42
C GLN E 224 50.65 18.47 23.87
N ILE E 225 51.69 18.16 23.08
CA ILE E 225 53.12 18.43 23.41
C ILE E 225 53.37 19.92 23.60
N PHE E 226 52.80 20.79 22.75
CA PHE E 226 53.14 22.22 22.64
C PHE E 226 52.07 23.13 23.27
N GLN E 227 51.10 22.56 24.03
CA GLN E 227 49.97 23.37 24.58
C GLN E 227 50.46 24.61 25.33
N HIS E 228 51.54 24.47 26.12
CA HIS E 228 52.08 25.55 26.98
C HIS E 228 52.74 26.66 26.14
N LEU E 229 53.08 26.43 24.85
CA LEU E 229 53.61 27.50 23.94
C LEU E 229 52.46 28.37 23.37
N HIS E 230 51.21 28.12 23.74
CA HIS E 230 49.99 28.76 23.17
C HIS E 230 49.01 29.07 24.32
N PRO E 231 48.01 29.97 24.14
CA PRO E 231 47.01 30.23 25.19
C PRO E 231 46.08 29.04 25.47
N ILE E 232 45.39 29.04 26.62
CA ILE E 232 44.36 28.01 27.01
C ILE E 232 43.19 28.02 26.02
N THR F 1 54.26 4.07 17.53
CA THR F 1 52.87 4.06 18.15
C THR F 1 52.41 5.52 18.32
N ASN F 2 51.68 5.89 19.39
CA ASN F 2 51.44 7.31 19.77
C ASN F 2 51.00 7.45 21.24
N MET F 3 51.84 8.12 22.05
CA MET F 3 51.61 8.46 23.49
C MET F 3 50.37 9.36 23.64
N GLY F 4 50.17 10.31 22.72
CA GLY F 4 49.09 11.32 22.82
C GLY F 4 47.73 10.67 22.69
N LEU F 5 47.61 9.70 21.79
CA LEU F 5 46.41 8.85 21.68
C LEU F 5 46.32 8.00 22.94
N GLU F 6 47.45 7.42 23.37
CA GLU F 6 47.51 6.55 24.58
C GLU F 6 46.81 7.30 25.70
N ALA F 7 47.20 8.57 25.89
CA ALA F 7 46.77 9.40 27.03
C ALA F 7 45.26 9.60 26.95
N ILE F 8 44.75 9.99 25.76
CA ILE F 8 43.29 10.24 25.51
C ILE F 8 42.54 8.94 25.83
N ILE F 9 43.05 7.81 25.33
CA ILE F 9 42.40 6.46 25.47
C ILE F 9 42.39 6.01 26.94
N ARG F 10 43.51 6.14 27.64
CA ARG F 10 43.63 5.80 29.10
C ARG F 10 42.57 6.56 29.90
N LYS F 11 42.46 7.87 29.69
CA LYS F 11 41.48 8.76 30.37
C LYS F 11 40.08 8.22 30.15
N ALA F 12 39.71 8.06 28.88
CA ALA F 12 38.33 7.69 28.46
C ALA F 12 37.93 6.29 28.97
N LEU F 13 38.86 5.35 29.16
CA LEU F 13 38.56 3.98 29.72
C LEU F 13 38.13 4.06 31.19
N MET F 14 38.72 4.97 31.99
CA MET F 14 38.36 5.15 33.42
C MET F 14 36.95 5.77 33.51
N SER G 6 10.82 -4.70 6.71
CA SER G 6 10.13 -5.79 7.47
C SER G 6 8.67 -5.93 6.99
N LEU G 7 7.97 -4.80 6.87
CA LEU G 7 6.54 -4.70 6.47
C LEU G 7 6.35 -5.37 5.10
N THR G 8 7.26 -5.06 4.16
CA THR G 8 7.26 -5.54 2.75
C THR G 8 7.26 -7.08 2.71
N GLU G 9 7.96 -7.77 3.62
CA GLU G 9 8.02 -9.25 3.70
C GLU G 9 6.64 -9.82 4.11
N ILE G 10 6.05 -9.25 5.18
CA ILE G 10 4.67 -9.58 5.67
C ILE G 10 3.65 -9.32 4.54
N GLU G 11 3.74 -8.16 3.90
CA GLU G 11 2.88 -7.79 2.73
C GLU G 11 3.14 -8.76 1.57
N HIS G 12 4.36 -9.26 1.40
CA HIS G 12 4.74 -10.28 0.37
C HIS G 12 4.05 -11.62 0.71
N LEU G 13 4.11 -12.04 1.98
CA LEU G 13 3.42 -13.28 2.47
C LEU G 13 1.89 -13.13 2.30
N VAL G 14 1.31 -11.98 2.68
CA VAL G 14 -0.14 -11.69 2.44
C VAL G 14 -0.48 -11.97 0.95
N GLN G 15 0.26 -11.32 0.03
CA GLN G 15 0.06 -11.37 -1.45
C GLN G 15 0.26 -12.81 -1.95
N SER G 16 1.25 -13.50 -1.40
CA SER G 16 1.54 -14.93 -1.67
C SER G 16 0.32 -15.79 -1.28
N VAL G 17 -0.25 -15.61 -0.08
CA VAL G 17 -1.44 -16.39 0.39
C VAL G 17 -2.65 -16.03 -0.49
N CYS G 18 -2.84 -14.74 -0.75
CA CYS G 18 -4.00 -14.26 -1.54
C CYS G 18 -3.91 -14.76 -2.99
N LYS G 19 -2.70 -14.79 -3.56
CA LYS G 19 -2.43 -15.33 -4.92
C LYS G 19 -2.81 -16.82 -4.92
N SER G 20 -2.22 -17.59 -4.00
CA SER G 20 -2.50 -19.03 -3.79
C SER G 20 -4.02 -19.26 -3.69
N TYR G 21 -4.73 -18.40 -2.95
CA TYR G 21 -6.20 -18.52 -2.79
C TYR G 21 -6.94 -18.22 -4.11
N ARG G 22 -6.60 -17.11 -4.76
CA ARG G 22 -7.28 -16.65 -6.01
C ARG G 22 -7.24 -17.79 -7.04
N GLU G 23 -6.04 -18.33 -7.28
CA GLU G 23 -5.77 -19.42 -8.26
C GLU G 23 -6.53 -20.72 -7.92
N THR G 24 -6.98 -20.92 -6.68
CA THR G 24 -7.52 -22.22 -6.20
C THR G 24 -8.93 -22.07 -5.62
N CYS G 25 -9.55 -20.88 -5.73
CA CYS G 25 -10.89 -20.63 -5.14
C CYS G 25 -12.03 -21.40 -5.83
N GLN G 26 -11.77 -22.14 -6.92
CA GLN G 26 -12.73 -22.97 -7.71
C GLN G 26 -13.56 -22.08 -8.62
N LEU G 27 -14.45 -21.29 -7.99
CA LEU G 27 -15.42 -20.34 -8.56
C LEU G 27 -14.88 -18.94 -8.28
N ARG G 28 -14.88 -18.02 -9.24
CA ARG G 28 -14.57 -16.59 -8.97
C ARG G 28 -15.77 -16.00 -8.23
N LEU G 29 -15.54 -15.09 -7.29
CA LEU G 29 -16.62 -14.49 -6.46
C LEU G 29 -17.63 -13.76 -7.36
N GLU G 30 -17.12 -12.97 -8.33
CA GLU G 30 -17.91 -12.18 -9.31
C GLU G 30 -18.98 -13.10 -9.95
N ASP G 31 -18.54 -14.30 -10.34
CA ASP G 31 -19.38 -15.30 -11.03
C ASP G 31 -20.49 -15.74 -10.08
N LEU G 32 -20.15 -16.14 -8.85
CA LEU G 32 -21.13 -16.53 -7.80
C LEU G 32 -22.10 -15.38 -7.57
N LEU G 33 -21.63 -14.13 -7.46
CA LEU G 33 -22.52 -12.99 -7.14
C LEU G 33 -23.45 -12.70 -8.32
N ARG G 34 -22.92 -12.70 -9.56
CA ARG G 34 -23.72 -12.41 -10.78
C ARG G 34 -24.75 -13.52 -11.03
N GLN G 35 -24.44 -14.77 -10.71
CA GLN G 35 -25.39 -15.91 -10.93
C GLN G 35 -26.51 -15.91 -9.88
N ARG G 36 -26.49 -15.04 -8.87
CA ARG G 36 -27.49 -15.02 -7.77
C ARG G 36 -28.91 -14.89 -8.32
N SER G 37 -29.06 -14.17 -9.43
CA SER G 37 -30.38 -13.96 -10.11
C SER G 37 -30.83 -15.27 -10.76
N ASN G 38 -29.89 -16.09 -11.24
CA ASN G 38 -30.18 -17.36 -11.95
C ASN G 38 -30.56 -18.44 -10.91
N ILE G 39 -31.86 -18.63 -10.68
CA ILE G 39 -32.49 -19.38 -9.55
C ILE G 39 -33.23 -20.60 -10.13
N PHE G 40 -33.17 -21.78 -9.45
CA PHE G 40 -33.90 -23.01 -9.90
C PHE G 40 -35.43 -22.81 -9.89
N SER G 41 -36.09 -23.24 -10.97
CA SER G 41 -37.58 -23.27 -11.12
C SER G 41 -38.18 -24.35 -10.22
N ARG G 42 -39.46 -24.19 -9.89
CA ARG G 42 -40.28 -25.17 -9.12
C ARG G 42 -40.17 -26.56 -9.73
N GLU G 43 -40.11 -26.64 -11.08
CA GLU G 43 -39.95 -27.91 -11.83
C GLU G 43 -38.58 -28.53 -11.52
N GLU G 44 -37.51 -27.69 -11.59
CA GLU G 44 -36.10 -28.15 -11.43
C GLU G 44 -35.87 -28.58 -9.99
N VAL G 45 -36.49 -27.87 -9.03
CA VAL G 45 -36.58 -28.28 -7.60
C VAL G 45 -37.21 -29.67 -7.49
N THR G 46 -38.35 -29.91 -8.14
CA THR G 46 -39.12 -31.18 -8.05
C THR G 46 -38.27 -32.33 -8.64
N GLY G 47 -37.56 -32.07 -9.74
CA GLY G 47 -36.59 -33.02 -10.33
C GLY G 47 -35.58 -33.51 -9.31
N TYR G 48 -34.92 -32.59 -8.58
CA TYR G 48 -33.93 -32.90 -7.51
C TYR G 48 -34.61 -33.67 -6.37
N GLN G 49 -35.81 -33.26 -5.94
CA GLN G 49 -36.53 -33.94 -4.83
C GLN G 49 -37.01 -35.33 -5.28
N ARG G 50 -37.23 -35.57 -6.59
CA ARG G 50 -37.64 -36.91 -7.09
C ARG G 50 -36.45 -37.88 -7.17
N LYS G 51 -35.20 -37.43 -7.13
CA LYS G 51 -34.02 -38.33 -7.28
C LYS G 51 -33.90 -39.28 -6.08
N SER G 52 -33.20 -40.38 -6.26
CA SER G 52 -32.89 -41.34 -5.17
C SER G 52 -31.90 -40.69 -4.18
N MET G 53 -32.03 -41.10 -2.91
CA MET G 53 -31.07 -40.82 -1.82
C MET G 53 -29.64 -41.03 -2.33
N TRP G 54 -29.35 -42.14 -2.98
CA TRP G 54 -27.99 -42.51 -3.44
C TRP G 54 -27.52 -41.48 -4.48
N GLU G 55 -28.31 -41.26 -5.51
CA GLU G 55 -27.98 -40.34 -6.62
C GLU G 55 -27.73 -38.89 -6.11
N MET G 56 -28.48 -38.44 -5.09
CA MET G 56 -28.29 -37.09 -4.50
C MET G 56 -27.04 -37.07 -3.62
N TRP G 57 -26.77 -38.13 -2.84
CA TRP G 57 -25.54 -38.22 -2.01
C TRP G 57 -24.30 -38.34 -2.90
N GLU G 58 -24.41 -39.03 -4.04
CA GLU G 58 -23.29 -39.25 -5.01
C GLU G 58 -22.83 -37.89 -5.54
N ARG G 59 -23.79 -37.08 -5.98
CA ARG G 59 -23.56 -35.71 -6.56
C ARG G 59 -22.85 -34.86 -5.51
N CYS G 60 -23.42 -34.78 -4.31
CA CYS G 60 -22.94 -33.96 -3.15
C CYS G 60 -21.55 -34.43 -2.72
N ALA G 61 -21.35 -35.74 -2.58
CA ALA G 61 -20.01 -36.32 -2.28
C ALA G 61 -19.01 -35.95 -3.39
N HIS G 62 -19.41 -36.06 -4.66
CA HIS G 62 -18.55 -35.66 -5.82
C HIS G 62 -18.12 -34.19 -5.65
N HIS G 63 -19.02 -33.31 -5.20
CA HIS G 63 -18.72 -31.86 -5.03
C HIS G 63 -17.83 -31.62 -3.82
N LEU G 64 -18.13 -32.27 -2.69
CA LEU G 64 -17.28 -32.22 -1.46
C LEU G 64 -15.84 -32.65 -1.80
N THR G 65 -15.73 -33.78 -2.52
CA THR G 65 -14.43 -34.37 -2.95
C THR G 65 -13.67 -33.38 -3.84
N GLU G 66 -14.36 -32.84 -4.84
CA GLU G 66 -13.79 -31.80 -5.75
C GLU G 66 -13.29 -30.65 -4.85
N ALA G 67 -14.10 -30.23 -3.87
CA ALA G 67 -13.80 -29.03 -3.07
C ALA G 67 -12.55 -29.32 -2.25
N ILE G 68 -12.45 -30.51 -1.68
CA ILE G 68 -11.27 -30.94 -0.89
C ILE G 68 -10.00 -30.90 -1.76
N GLN G 69 -10.10 -31.26 -3.04
CA GLN G 69 -8.95 -31.32 -4.00
C GLN G 69 -8.43 -29.91 -4.28
N TYR G 70 -9.31 -28.91 -4.27
CA TYR G 70 -8.95 -27.48 -4.48
C TYR G 70 -8.17 -26.95 -3.25
N VAL G 71 -8.53 -27.42 -2.07
CA VAL G 71 -7.83 -27.03 -0.79
C VAL G 71 -6.42 -27.62 -0.79
N VAL G 72 -6.25 -28.83 -1.34
CA VAL G 72 -4.91 -29.47 -1.46
C VAL G 72 -4.05 -28.63 -2.43
N GLU G 73 -4.62 -28.20 -3.55
CA GLU G 73 -3.95 -27.29 -4.50
C GLU G 73 -3.65 -25.96 -3.80
N PHE G 74 -4.54 -25.49 -2.92
CA PHE G 74 -4.34 -24.26 -2.10
C PHE G 74 -3.09 -24.46 -1.25
N ALA G 75 -3.08 -25.54 -0.47
CA ALA G 75 -1.98 -25.82 0.48
C ALA G 75 -0.66 -25.95 -0.30
N LYS G 76 -0.66 -26.73 -1.40
CA LYS G 76 0.55 -26.95 -2.25
C LYS G 76 1.21 -25.61 -2.60
N ARG G 77 0.43 -24.56 -2.89
CA ARG G 77 0.94 -23.23 -3.30
C ARG G 77 1.29 -22.35 -2.09
N LEU G 78 1.06 -22.78 -0.84
CA LEU G 78 1.42 -21.99 0.38
C LEU G 78 2.92 -22.12 0.62
N SER G 79 3.63 -20.99 0.78
CA SER G 79 5.10 -20.97 0.99
C SER G 79 5.42 -21.69 2.30
N GLY G 80 6.26 -22.73 2.21
CA GLY G 80 6.74 -23.51 3.36
C GLY G 80 6.05 -24.85 3.47
N PHE G 81 4.85 -25.01 2.90
CA PHE G 81 4.01 -26.22 3.08
C PHE G 81 4.61 -27.42 2.33
N MET G 82 5.15 -27.21 1.12
CA MET G 82 5.81 -28.30 0.32
C MET G 82 7.18 -28.65 0.92
N GLU G 83 7.83 -27.71 1.62
CA GLU G 83 9.07 -27.98 2.41
C GLU G 83 8.80 -28.99 3.54
N LEU G 84 7.58 -29.04 4.09
CA LEU G 84 7.22 -30.01 5.17
C LEU G 84 7.31 -31.45 4.63
N CYS G 85 7.51 -32.40 5.52
CA CYS G 85 7.53 -33.85 5.20
C CYS G 85 6.09 -34.31 4.91
N GLN G 86 5.99 -35.33 4.04
CA GLN G 86 4.73 -35.82 3.45
C GLN G 86 3.72 -36.08 4.58
N ASN G 87 4.13 -36.73 5.67
CA ASN G 87 3.28 -37.03 6.87
C ASN G 87 2.59 -35.76 7.38
N ASP G 88 3.34 -34.65 7.51
CA ASP G 88 2.85 -33.41 8.15
C ASP G 88 1.78 -32.78 7.24
N GLN G 89 2.10 -32.69 5.95
CA GLN G 89 1.19 -32.23 4.86
C GLN G 89 -0.17 -32.96 5.00
N ILE G 90 -0.12 -34.28 5.15
CA ILE G 90 -1.31 -35.18 5.23
C ILE G 90 -2.05 -34.96 6.56
N VAL G 91 -1.31 -34.92 7.66
CA VAL G 91 -1.89 -34.72 9.03
C VAL G 91 -2.64 -33.38 9.05
N LEU G 92 -2.05 -32.33 8.48
CA LEU G 92 -2.66 -30.97 8.50
C LEU G 92 -3.92 -30.94 7.65
N LEU G 93 -3.83 -31.49 6.43
CA LEU G 93 -4.94 -31.49 5.46
C LEU G 93 -6.08 -32.36 6.00
N LYS G 94 -5.76 -33.50 6.58
CA LYS G 94 -6.78 -34.42 7.16
C LYS G 94 -7.57 -33.66 8.22
N ALA G 95 -6.88 -32.95 9.09
CA ALA G 95 -7.49 -32.26 10.25
C ALA G 95 -8.15 -30.94 9.82
N GLY G 96 -7.74 -30.32 8.68
CA GLY G 96 -8.14 -28.93 8.32
C GLY G 96 -9.00 -28.78 7.08
N ALA G 97 -8.89 -29.69 6.11
CA ALA G 97 -9.42 -29.52 4.73
C ALA G 97 -10.92 -29.27 4.72
N MET G 98 -11.72 -30.04 5.49
CA MET G 98 -13.22 -30.00 5.35
C MET G 98 -13.72 -28.65 5.97
N GLU G 99 -13.08 -28.20 7.05
CA GLU G 99 -13.44 -26.90 7.68
C GLU G 99 -13.11 -25.73 6.72
N VAL G 100 -12.01 -25.79 5.94
CA VAL G 100 -11.70 -24.83 4.85
C VAL G 100 -12.81 -24.87 3.78
N VAL G 101 -13.32 -26.05 3.43
CA VAL G 101 -14.46 -26.19 2.48
C VAL G 101 -15.69 -25.49 3.10
N LEU G 102 -16.10 -25.82 4.34
CA LEU G 102 -17.28 -25.14 4.96
C LEU G 102 -17.13 -23.61 4.94
N VAL G 103 -15.92 -23.10 5.24
CA VAL G 103 -15.61 -21.66 5.16
C VAL G 103 -15.74 -21.17 3.69
N ARG G 104 -15.13 -21.87 2.72
CA ARG G 104 -15.15 -21.49 1.27
C ARG G 104 -16.61 -21.44 0.78
N MET G 105 -17.45 -22.35 1.28
CA MET G 105 -18.89 -22.47 0.92
C MET G 105 -19.69 -21.16 1.13
N CYS G 106 -19.43 -20.38 2.19
CA CYS G 106 -20.24 -19.17 2.56
C CYS G 106 -20.27 -18.13 1.42
N ARG G 107 -19.28 -18.16 0.53
CA ARG G 107 -19.21 -17.31 -0.69
C ARG G 107 -20.36 -17.60 -1.66
N ALA G 108 -20.87 -18.82 -1.68
CA ALA G 108 -21.89 -19.32 -2.64
C ALA G 108 -23.27 -19.31 -1.99
N TYR G 109 -23.37 -18.69 -0.81
CA TYR G 109 -24.59 -18.52 0.01
C TYR G 109 -25.09 -17.08 -0.17
N ASN G 110 -26.36 -16.92 -0.51
CA ASN G 110 -27.06 -15.63 -0.69
C ASN G 110 -28.01 -15.45 0.52
N ALA G 111 -27.60 -14.57 1.43
CA ALA G 111 -28.24 -14.23 2.71
C ALA G 111 -29.61 -13.56 2.47
N ASP G 112 -29.78 -12.84 1.37
CA ASP G 112 -31.05 -12.17 0.99
C ASP G 112 -32.20 -13.18 1.06
N ASN G 113 -32.08 -14.25 0.26
CA ASN G 113 -33.17 -15.23 -0.02
C ASN G 113 -32.84 -16.62 0.58
N ARG G 114 -31.71 -16.81 1.28
CA ARG G 114 -31.35 -18.10 1.95
C ARG G 114 -31.22 -19.20 0.90
N THR G 115 -30.42 -18.94 -0.13
CA THR G 115 -30.21 -19.86 -1.28
C THR G 115 -28.70 -20.03 -1.52
N VAL G 116 -28.33 -21.16 -2.12
CA VAL G 116 -26.93 -21.58 -2.31
C VAL G 116 -26.78 -21.92 -3.80
N PHE G 117 -25.56 -21.67 -4.32
CA PHE G 117 -25.20 -22.05 -5.72
C PHE G 117 -24.99 -23.56 -5.75
N PHE G 118 -25.74 -24.28 -6.57
CA PHE G 118 -25.65 -25.75 -6.73
C PHE G 118 -25.87 -26.12 -8.20
N GLU G 119 -24.82 -26.52 -8.91
CA GLU G 119 -24.87 -27.08 -10.29
C GLU G 119 -25.54 -26.07 -11.24
N GLY G 120 -25.07 -24.84 -11.23
CA GLY G 120 -25.31 -23.81 -12.27
C GLY G 120 -26.31 -22.73 -11.89
N LYS G 121 -27.15 -22.99 -10.88
CA LYS G 121 -28.19 -22.06 -10.36
C LYS G 121 -28.26 -22.12 -8.82
N TYR G 122 -29.00 -21.17 -8.23
CA TYR G 122 -29.20 -21.02 -6.77
C TYR G 122 -30.53 -21.70 -6.39
N GLY G 123 -30.51 -22.36 -5.24
CA GLY G 123 -31.79 -22.83 -4.63
C GLY G 123 -31.69 -22.91 -3.12
N GLY G 124 -32.77 -23.25 -2.43
CA GLY G 124 -32.83 -23.31 -0.97
C GLY G 124 -32.70 -24.74 -0.44
N MET G 125 -32.78 -24.87 0.88
CA MET G 125 -32.74 -26.13 1.67
C MET G 125 -33.52 -27.27 0.99
N GLU G 126 -34.67 -26.94 0.41
CA GLU G 126 -35.63 -27.89 -0.21
C GLU G 126 -34.94 -28.64 -1.37
N LEU G 127 -33.89 -28.04 -1.95
CA LEU G 127 -33.12 -28.66 -3.08
C LEU G 127 -32.47 -29.98 -2.61
N PHE G 128 -32.30 -30.17 -1.29
CA PHE G 128 -31.57 -31.30 -0.65
C PHE G 128 -32.51 -32.26 0.12
N ARG G 129 -33.83 -32.26 -0.12
CA ARG G 129 -34.78 -33.14 0.63
C ARG G 129 -34.38 -34.62 0.51
N ALA G 130 -33.85 -35.03 -0.65
CA ALA G 130 -33.55 -36.45 -1.00
C ALA G 130 -32.38 -37.01 -0.19
N LEU G 131 -31.58 -36.17 0.47
CA LEU G 131 -30.49 -36.63 1.38
C LEU G 131 -31.08 -37.14 2.71
N GLY G 132 -32.36 -36.85 3.02
CA GLY G 132 -33.01 -37.28 4.28
C GLY G 132 -32.20 -36.88 5.51
N CYS G 133 -31.72 -35.63 5.52
CA CYS G 133 -30.75 -35.07 6.52
C CYS G 133 -31.09 -33.59 6.80
N SER G 134 -32.37 -33.31 7.04
CA SER G 134 -32.94 -31.94 7.25
C SER G 134 -32.16 -31.19 8.34
N GLU G 135 -31.92 -31.85 9.47
CA GLU G 135 -31.14 -31.29 10.61
C GLU G 135 -29.74 -30.86 10.11
N LEU G 136 -29.04 -31.73 9.38
CA LEU G 136 -27.68 -31.42 8.83
C LEU G 136 -27.80 -30.24 7.85
N ILE G 137 -28.75 -30.31 6.92
CA ILE G 137 -28.93 -29.25 5.90
C ILE G 137 -29.14 -27.90 6.61
N SER G 138 -30.09 -27.86 7.56
CA SER G 138 -30.44 -26.66 8.34
C SER G 138 -29.19 -26.04 8.99
N SER G 139 -28.34 -26.89 9.57
CA SER G 139 -27.11 -26.49 10.31
C SER G 139 -26.08 -25.88 9.35
N ILE G 140 -25.85 -26.51 8.18
CA ILE G 140 -24.88 -25.97 7.17
C ILE G 140 -25.38 -24.62 6.65
N PHE G 141 -26.69 -24.46 6.55
CA PHE G 141 -27.32 -23.19 6.12
C PHE G 141 -27.12 -22.14 7.23
N ASP G 142 -27.40 -22.49 8.50
CA ASP G 142 -27.23 -21.52 9.62
C ASP G 142 -25.75 -21.10 9.72
N PHE G 143 -24.86 -22.06 9.57
CA PHE G 143 -23.38 -21.83 9.59
C PHE G 143 -23.04 -20.82 8.49
N SER G 144 -23.44 -21.07 7.26
CA SER G 144 -23.11 -20.21 6.08
C SER G 144 -23.71 -18.82 6.30
N HIS G 145 -24.92 -18.77 6.86
CA HIS G 145 -25.60 -17.51 7.24
C HIS G 145 -24.73 -16.75 8.25
N SER G 146 -24.31 -17.43 9.34
CA SER G 146 -23.47 -16.80 10.39
C SER G 146 -22.13 -16.29 9.84
N LEU G 147 -21.44 -17.06 8.99
CA LEU G 147 -20.17 -16.57 8.35
C LEU G 147 -20.45 -15.43 7.42
N SER G 148 -21.52 -15.55 6.61
CA SER G 148 -21.91 -14.51 5.61
C SER G 148 -22.05 -13.14 6.30
N ALA G 149 -22.69 -13.10 7.47
CA ALA G 149 -23.00 -11.89 8.27
C ALA G 149 -21.73 -11.14 8.73
N LEU G 150 -20.55 -11.78 8.75
CA LEU G 150 -19.26 -11.14 9.11
C LEU G 150 -18.57 -10.54 7.87
N HIS G 151 -19.10 -10.80 6.67
CA HIS G 151 -18.68 -10.14 5.40
C HIS G 151 -17.16 -10.27 5.24
N PHE G 152 -16.64 -11.48 5.43
CA PHE G 152 -15.24 -11.82 5.11
C PHE G 152 -14.96 -11.41 3.64
N SER G 153 -13.98 -10.57 3.43
CA SER G 153 -13.40 -10.29 2.08
C SER G 153 -12.66 -11.54 1.59
N GLU G 154 -12.26 -11.54 0.33
CA GLU G 154 -11.43 -12.62 -0.26
C GLU G 154 -10.11 -12.78 0.53
N ASP G 155 -9.45 -11.67 0.83
CA ASP G 155 -8.15 -11.63 1.55
C ASP G 155 -8.28 -12.31 2.92
N GLU G 156 -9.34 -11.93 3.66
CA GLU G 156 -9.64 -12.50 5.00
C GLU G 156 -9.81 -14.02 4.90
N ILE G 157 -10.71 -14.50 4.04
CA ILE G 157 -10.88 -15.97 3.77
C ILE G 157 -9.52 -16.58 3.46
N ALA G 158 -8.73 -15.97 2.56
CA ALA G 158 -7.44 -16.54 2.11
C ALA G 158 -6.53 -16.71 3.31
N LEU G 159 -6.35 -15.66 4.12
CA LEU G 159 -5.46 -15.71 5.31
C LEU G 159 -6.03 -16.61 6.42
N TYR G 160 -7.33 -16.67 6.59
CA TYR G 160 -7.96 -17.40 7.72
C TYR G 160 -7.89 -18.89 7.42
N THR G 161 -8.27 -19.26 6.20
CA THR G 161 -8.25 -20.66 5.78
C THR G 161 -6.81 -21.21 5.80
N ALA G 162 -5.79 -20.39 5.53
CA ALA G 162 -4.38 -20.79 5.67
C ALA G 162 -4.12 -21.18 7.13
N LEU G 163 -4.68 -20.42 8.07
CA LEU G 163 -4.49 -20.66 9.52
C LEU G 163 -5.34 -21.83 10.02
N VAL G 164 -6.48 -22.11 9.41
CA VAL G 164 -7.19 -23.38 9.72
C VAL G 164 -6.26 -24.56 9.40
N LEU G 165 -5.50 -24.49 8.29
CA LEU G 165 -4.65 -25.60 7.78
C LEU G 165 -3.34 -25.66 8.54
N ILE G 166 -2.61 -24.55 8.64
CA ILE G 166 -1.25 -24.52 9.28
C ILE G 166 -1.41 -24.36 10.79
N ASN G 167 -1.57 -25.47 11.49
CA ASN G 167 -1.78 -25.56 12.97
C ASN G 167 -0.80 -26.59 13.56
N ALA G 168 0.10 -26.17 14.42
CA ALA G 168 1.13 -26.99 15.11
C ALA G 168 0.55 -27.81 16.27
N HIS G 169 -0.74 -27.73 16.59
CA HIS G 169 -1.36 -28.56 17.68
C HIS G 169 -1.93 -29.86 17.11
N ARG G 170 -1.81 -30.15 15.81
CA ARG G 170 -2.46 -31.36 15.23
C ARG G 170 -1.71 -32.63 15.67
N PRO G 171 -2.34 -33.55 16.43
CA PRO G 171 -1.70 -34.81 16.82
C PRO G 171 -1.09 -35.54 15.63
N GLY G 172 0.19 -35.92 15.73
CA GLY G 172 0.87 -36.78 14.75
C GLY G 172 1.82 -36.02 13.84
N LEU G 173 2.23 -34.79 14.21
CA LEU G 173 3.23 -33.98 13.46
C LEU G 173 4.66 -34.38 13.88
N GLN G 174 5.57 -34.45 12.89
CA GLN G 174 7.00 -34.79 13.03
C GLN G 174 7.83 -33.51 13.28
N GLU G 175 7.54 -32.44 12.55
CA GLU G 175 8.30 -31.16 12.51
C GLU G 175 7.43 -30.03 13.10
N LYS G 176 6.94 -30.20 14.34
CA LYS G 176 6.17 -29.20 15.12
C LYS G 176 6.78 -27.78 14.98
N ARG G 177 8.08 -27.65 15.20
CA ARG G 177 8.81 -26.34 15.16
C ARG G 177 8.69 -25.73 13.77
N LYS G 178 8.81 -26.54 12.71
CA LYS G 178 8.71 -26.03 11.33
C LYS G 178 7.27 -25.52 11.11
N VAL G 179 6.26 -26.15 11.71
CA VAL G 179 4.82 -25.76 11.58
C VAL G 179 4.53 -24.50 12.42
N GLU G 180 5.10 -24.40 13.63
CA GLU G 180 4.98 -23.19 14.49
C GLU G 180 5.52 -21.98 13.72
N GLN G 181 6.71 -22.09 13.10
CA GLN G 181 7.35 -20.98 12.33
C GLN G 181 6.41 -20.52 11.22
N LEU G 182 5.82 -21.44 10.46
CA LEU G 182 4.85 -21.12 9.38
C LEU G 182 3.56 -20.52 9.96
N GLN G 183 3.02 -21.07 11.07
CA GLN G 183 1.75 -20.60 11.71
C GLN G 183 1.93 -19.17 12.24
N TYR G 184 3.02 -18.94 12.97
CA TYR G 184 3.39 -17.64 13.58
C TYR G 184 3.47 -16.55 12.51
N ASN G 185 4.23 -16.79 11.43
CA ASN G 185 4.36 -15.86 10.27
C ASN G 185 3.00 -15.53 9.66
N LEU G 186 2.09 -16.51 9.57
CA LEU G 186 0.69 -16.31 9.10
C LEU G 186 -0.10 -15.47 10.12
N GLU G 187 0.13 -15.70 11.42
CA GLU G 187 -0.55 -14.90 12.49
C GLU G 187 -0.07 -13.45 12.42
N LEU G 188 1.23 -13.23 12.25
CA LEU G 188 1.83 -11.87 12.07
C LEU G 188 1.09 -11.17 10.94
N ALA G 189 1.14 -11.81 9.77
CA ALA G 189 0.61 -11.33 8.49
C ALA G 189 -0.87 -11.01 8.64
N PHE G 190 -1.63 -11.92 9.25
CA PHE G 190 -3.09 -11.73 9.32
C PHE G 190 -3.36 -10.59 10.31
N HIS G 191 -2.62 -10.56 11.43
CA HIS G 191 -2.74 -9.48 12.46
C HIS G 191 -2.46 -8.11 11.82
N HIS G 192 -1.37 -7.99 11.07
CA HIS G 192 -1.04 -6.76 10.29
C HIS G 192 -2.20 -6.38 9.38
N HIS G 193 -2.76 -7.33 8.64
CA HIS G 193 -3.87 -7.08 7.69
C HIS G 193 -5.10 -6.60 8.46
N LEU G 194 -5.49 -7.29 9.55
CA LEU G 194 -6.70 -6.91 10.33
C LEU G 194 -6.53 -5.52 10.98
N CYS G 195 -5.30 -5.14 11.37
CA CYS G 195 -5.00 -3.81 11.97
C CYS G 195 -5.19 -2.72 10.90
N LYS G 196 -4.53 -2.87 9.74
CA LYS G 196 -4.67 -2.01 8.53
C LYS G 196 -6.14 -1.73 8.21
N THR G 197 -7.01 -2.75 8.33
CA THR G 197 -8.43 -2.70 7.92
C THR G 197 -9.33 -2.42 9.13
N HIS G 198 -8.81 -2.42 10.36
CA HIS G 198 -9.64 -2.14 11.59
C HIS G 198 -10.69 -3.24 11.78
N ARG G 199 -10.31 -4.49 11.50
CA ARG G 199 -11.18 -5.70 11.47
C ARG G 199 -10.70 -6.71 12.53
N GLN G 200 -9.88 -6.25 13.47
CA GLN G 200 -9.30 -7.04 14.60
C GLN G 200 -10.32 -8.01 15.19
N SER G 201 -11.60 -7.65 15.28
CA SER G 201 -12.63 -8.34 16.12
C SER G 201 -13.45 -9.38 15.35
N ILE G 202 -13.24 -9.58 14.04
CA ILE G 202 -14.09 -10.51 13.23
C ILE G 202 -13.88 -11.96 13.66
N LEU G 203 -12.70 -12.36 14.12
CA LEU G 203 -12.43 -13.77 14.52
C LEU G 203 -13.07 -14.10 15.88
N ALA G 204 -13.53 -13.13 16.63
CA ALA G 204 -14.13 -13.33 17.98
C ALA G 204 -15.46 -14.08 17.87
N LYS G 205 -16.22 -13.85 16.79
CA LYS G 205 -17.65 -14.24 16.69
C LYS G 205 -17.86 -15.32 15.63
N LEU G 206 -16.83 -16.15 15.36
CA LEU G 206 -16.90 -17.21 14.33
C LEU G 206 -17.74 -18.36 14.85
N PRO G 207 -18.74 -18.85 14.07
CA PRO G 207 -19.53 -20.00 14.49
C PRO G 207 -18.68 -21.27 14.45
N PRO G 208 -18.90 -22.23 15.39
CA PRO G 208 -18.04 -23.41 15.51
C PRO G 208 -18.30 -24.36 14.34
N ALA G 209 -17.23 -24.91 13.77
CA ALA G 209 -17.20 -25.58 12.44
C ALA G 209 -16.81 -27.06 12.56
N GLY G 210 -16.08 -27.47 13.61
CA GLY G 210 -15.56 -28.84 13.84
C GLY G 210 -16.61 -29.93 13.65
N LYS G 211 -17.76 -29.83 14.33
CA LYS G 211 -18.84 -30.86 14.33
C LYS G 211 -19.35 -31.06 12.90
N LEU G 212 -19.71 -29.96 12.24
CA LEU G 212 -20.26 -29.99 10.87
C LEU G 212 -19.26 -30.60 9.89
N ALA G 213 -17.98 -30.22 9.95
CA ALA G 213 -16.91 -30.74 9.05
C ALA G 213 -16.77 -32.25 9.24
N SER G 214 -16.79 -32.68 10.51
CA SER G 214 -16.64 -34.10 10.91
C SER G 214 -17.75 -34.93 10.26
N LEU G 215 -19.00 -34.46 10.34
CA LEU G 215 -20.19 -35.14 9.75
C LEU G 215 -20.06 -35.25 8.23
N CYS G 216 -19.66 -34.16 7.58
CA CYS G 216 -19.40 -34.09 6.11
C CYS G 216 -18.30 -35.08 5.72
N SER G 217 -17.24 -35.18 6.54
CA SER G 217 -16.18 -36.21 6.34
C SER G 217 -16.75 -37.62 6.54
N GLN G 218 -17.63 -37.81 7.52
CA GLN G 218 -18.24 -39.12 7.83
C GLN G 218 -19.08 -39.57 6.63
N HIS G 219 -19.92 -38.67 6.14
CA HIS G 219 -20.78 -38.95 4.96
C HIS G 219 -19.92 -39.31 3.75
N VAL G 220 -18.83 -38.57 3.49
CA VAL G 220 -17.92 -38.85 2.33
C VAL G 220 -17.37 -40.27 2.44
N GLU G 221 -16.92 -40.65 3.65
CA GLU G 221 -16.32 -41.99 3.93
C GLU G 221 -17.41 -43.06 3.71
N ARG G 222 -18.61 -42.85 4.28
CA ARG G 222 -19.77 -43.79 4.18
C ARG G 222 -20.04 -44.14 2.70
N LEU G 223 -19.90 -43.20 1.80
CA LEU G 223 -20.11 -43.40 0.34
C LEU G 223 -18.92 -44.16 -0.28
N GLN G 224 -17.69 -43.94 0.20
CA GLN G 224 -16.51 -44.71 -0.28
C GLN G 224 -16.68 -46.17 0.19
N ILE G 225 -17.09 -46.38 1.44
CA ILE G 225 -17.18 -47.71 2.10
C ILE G 225 -18.19 -48.60 1.37
N PHE G 226 -19.35 -48.05 0.95
CA PHE G 226 -20.49 -48.82 0.44
C PHE G 226 -20.64 -48.68 -1.08
N GLN G 227 -19.63 -48.14 -1.79
CA GLN G 227 -19.64 -47.90 -3.27
C GLN G 227 -20.12 -49.16 -4.01
N HIS G 228 -19.63 -50.33 -3.60
CA HIS G 228 -19.90 -51.64 -4.27
C HIS G 228 -21.37 -52.06 -4.10
N LEU G 229 -22.10 -51.53 -3.11
CA LEU G 229 -23.57 -51.81 -2.93
C LEU G 229 -24.42 -50.95 -3.89
N HIS G 230 -23.83 -50.10 -4.73
CA HIS G 230 -24.51 -49.10 -5.60
C HIS G 230 -23.85 -49.09 -6.99
N PRO G 231 -24.52 -48.58 -8.06
CA PRO G 231 -23.93 -48.57 -9.40
C PRO G 231 -22.75 -47.58 -9.53
N ILE G 232 -21.89 -47.76 -10.54
CA ILE G 232 -20.67 -46.90 -10.71
C ILE G 232 -21.12 -45.57 -11.30
N ASN H 2 -11.08 -40.44 9.81
CA ASN H 2 -11.10 -39.69 8.51
C ASN H 2 -10.39 -40.51 7.42
N MET H 3 -10.82 -41.76 7.25
CA MET H 3 -10.22 -42.70 6.27
C MET H 3 -10.50 -42.24 4.84
N GLY H 4 -11.65 -41.64 4.59
CA GLY H 4 -12.06 -41.22 3.23
C GLY H 4 -11.21 -40.05 2.76
N LEU H 5 -10.99 -39.11 3.66
CA LEU H 5 -10.19 -37.90 3.40
C LEU H 5 -8.76 -38.32 3.09
N GLU H 6 -8.16 -39.25 3.87
CA GLU H 6 -6.77 -39.76 3.68
C GLU H 6 -6.59 -39.98 2.16
N ALA H 7 -7.49 -40.77 1.60
CA ALA H 7 -7.37 -41.34 0.24
C ALA H 7 -7.43 -40.19 -0.76
N ILE H 8 -8.42 -39.30 -0.60
CA ILE H 8 -8.64 -38.10 -1.47
C ILE H 8 -7.36 -37.25 -1.43
N ILE H 9 -6.83 -37.01 -0.24
CA ILE H 9 -5.67 -36.11 0.02
C ILE H 9 -4.39 -36.71 -0.57
N ARG H 10 -4.14 -38.00 -0.33
CA ARG H 10 -2.97 -38.74 -0.90
C ARG H 10 -2.96 -38.59 -2.43
N LYS H 11 -4.09 -38.87 -3.08
CA LYS H 11 -4.26 -38.79 -4.56
C LYS H 11 -3.86 -37.38 -5.01
N ALA H 12 -4.48 -36.36 -4.43
CA ALA H 12 -4.34 -34.94 -4.86
C ALA H 12 -2.92 -34.43 -4.67
N LEU H 13 -2.15 -34.91 -3.69
CA LEU H 13 -0.72 -34.49 -3.50
C LEU H 13 0.18 -35.02 -4.63
N MET H 14 -0.05 -36.24 -5.12
CA MET H 14 0.52 -36.75 -6.41
C MET H 14 -0.16 -38.06 -6.80
#